data_7N7R
#
_entry.id   7N7R
#
_cell.length_a   150.014
_cell.length_b   150.014
_cell.length_c   111.042
_cell.angle_alpha   90.000
_cell.angle_beta   90.000
_cell.angle_gamma   120.000
#
_symmetry.space_group_name_H-M   'P 63'
#
loop_
_entity.id
_entity.type
_entity.pdbx_description
1 polymer 'Uridylate-specific endoribonuclease'
2 non-polymer 1-[2-(2-oxidanylidenepyrrolidin-1-yl)ethyl]-3-phenyl-urea
3 water water
#
_entity_poly.entity_id   1
_entity_poly.type   'polypeptide(L)'
_entity_poly.pdbx_seq_one_letter_code
;GAMSLENVAFNVVNKGHFDGQQGEVPVSIINNTVYTKVDGVDVELFENKTTLPVNVAFELWAKRNIKPVPEVKILNNLGV
DIAANTVIWDYKRDAPAHISTIGVCSMTDIAKKPTETICAPLTVFFDGRVDGQVDLFRNARNGVLITEGSVKGLQPSVGP
KQASLNGVTLIGEAVKTQFNYYKKVDGVVQQLPETYFTQSRNLQEFKPRSQMEIDFLELAMDEFIERYKLEGYAFEHIVY
GDFSHSQLGGLHLLIGLAKRFKESPFELEDFIPMDSTVKNYFITDAQTGSSKCVCSVIDLLLDDFVEIIKSQDLSVVSKV
VKVTIDYTEISFMLWCKDGHVETFYPKLQ
;
_entity_poly.pdbx_strand_id   A,B
#
# COMPACT_ATOMS: atom_id res chain seq x y z
N ALA A 2 13.72 12.08 -32.59
CA ALA A 2 13.37 13.20 -33.46
C ALA A 2 11.92 13.61 -33.24
N MET A 3 11.72 14.55 -32.32
CA MET A 3 10.40 15.04 -31.96
C MET A 3 9.97 16.14 -32.92
N SER A 4 8.71 16.13 -33.35
CA SER A 4 8.29 17.10 -34.35
C SER A 4 6.79 17.26 -34.38
N LEU A 5 6.36 18.42 -34.89
CA LEU A 5 4.94 18.69 -35.10
C LEU A 5 4.32 17.65 -36.02
N GLU A 6 4.95 17.42 -37.18
CA GLU A 6 4.40 16.46 -38.14
C GLU A 6 4.41 15.05 -37.59
N ASN A 7 5.35 14.70 -36.70
CA ASN A 7 5.31 13.37 -36.10
C ASN A 7 4.21 13.27 -35.06
N VAL A 8 4.01 14.32 -34.26
CA VAL A 8 2.87 14.35 -33.34
C VAL A 8 1.57 14.15 -34.11
N ALA A 9 1.40 14.90 -35.21
CA ALA A 9 0.20 14.79 -36.01
C ALA A 9 0.05 13.41 -36.62
N PHE A 10 1.16 12.81 -37.07
CA PHE A 10 1.11 11.45 -37.57
C PHE A 10 0.51 10.50 -36.53
N ASN A 11 1.02 10.58 -35.29
CA ASN A 11 0.53 9.70 -34.24
C ASN A 11 -0.95 9.93 -33.98
N VAL A 12 -1.38 11.19 -33.92
CA VAL A 12 -2.79 11.49 -33.70
C VAL A 12 -3.64 10.83 -34.78
N VAL A 13 -3.23 10.96 -36.04
CA VAL A 13 -4.02 10.44 -37.16
C VAL A 13 -4.09 8.92 -37.13
N ASN A 14 -2.94 8.26 -36.92
CA ASN A 14 -2.88 6.81 -37.03
C ASN A 14 -3.10 6.07 -35.72
N LYS A 15 -2.90 6.72 -34.58
CA LYS A 15 -2.96 6.06 -33.29
C LYS A 15 -3.97 6.67 -32.32
N GLY A 16 -4.63 7.77 -32.69
CA GLY A 16 -5.58 8.43 -31.82
C GLY A 16 -4.97 9.31 -30.76
N HIS A 17 -3.65 9.31 -30.61
CA HIS A 17 -2.95 10.11 -29.61
C HIS A 17 -1.46 9.89 -29.83
N PHE A 18 -0.60 10.55 -29.05
CA PHE A 18 0.82 10.29 -29.25
C PHE A 18 1.17 8.92 -28.69
N ASP A 19 1.89 8.13 -29.49
CA ASP A 19 2.17 6.74 -29.14
C ASP A 19 3.61 6.35 -29.49
N GLY A 20 4.50 7.32 -29.67
CA GLY A 20 5.89 7.03 -29.96
C GLY A 20 6.18 6.47 -31.33
N GLN A 21 5.19 6.40 -32.22
CA GLN A 21 5.39 5.84 -33.54
C GLN A 21 6.14 6.78 -34.46
N GLN A 22 6.87 6.22 -35.42
CA GLN A 22 7.59 7.01 -36.40
C GLN A 22 6.69 7.32 -37.58
N GLY A 23 6.92 8.48 -38.19
CA GLY A 23 6.09 8.91 -39.29
C GLY A 23 5.85 10.40 -39.33
N GLU A 24 5.34 10.89 -40.45
CA GLU A 24 5.03 12.30 -40.61
C GLU A 24 3.81 12.42 -41.50
N VAL A 25 3.00 13.45 -41.24
CA VAL A 25 1.92 13.82 -42.14
C VAL A 25 2.03 15.32 -42.35
N PRO A 26 1.60 15.86 -43.49
CA PRO A 26 1.68 17.31 -43.68
C PRO A 26 0.70 18.01 -42.75
N VAL A 27 1.16 19.11 -42.17
CA VAL A 27 0.39 19.87 -41.21
C VAL A 27 0.38 21.31 -41.65
N SER A 28 -0.77 21.96 -41.51
CA SER A 28 -0.86 23.40 -41.64
C SER A 28 -1.44 23.96 -40.35
N ILE A 29 -0.87 25.05 -39.87
CA ILE A 29 -1.36 25.73 -38.68
C ILE A 29 -1.96 27.07 -39.10
N ILE A 30 -3.21 27.30 -38.74
CA ILE A 30 -3.86 28.60 -38.94
C ILE A 30 -4.81 28.86 -37.78
N ASN A 31 -5.05 30.13 -37.41
N ASN A 31 -4.81 30.15 -37.42
CA ASN A 31 -6.01 30.48 -36.34
CA ASN A 31 -4.70 30.74 -36.09
C ASN A 31 -6.27 29.46 -35.21
C ASN A 31 -4.37 29.74 -34.99
N ASN A 32 -5.36 29.37 -34.21
CA ASN A 32 -5.24 28.31 -33.21
C ASN A 32 -5.74 26.96 -33.66
N THR A 33 -5.65 26.64 -34.95
CA THR A 33 -6.15 25.35 -35.36
C THR A 33 -5.05 24.60 -36.09
N VAL A 34 -4.96 23.32 -35.81
CA VAL A 34 -4.01 22.42 -36.46
C VAL A 34 -4.80 21.59 -37.46
N TYR A 35 -4.36 21.63 -38.72
CA TYR A 35 -4.96 20.82 -39.76
C TYR A 35 -3.92 19.85 -40.33
N THR A 36 -4.43 18.80 -40.95
CA THR A 36 -3.61 17.92 -41.76
C THR A 36 -4.30 17.65 -43.10
N LYS A 37 -3.49 17.40 -44.12
CA LYS A 37 -4.00 17.11 -45.46
C LYS A 37 -4.41 15.64 -45.55
N VAL A 38 -5.65 15.40 -45.97
CA VAL A 38 -6.16 14.06 -46.25
C VAL A 38 -6.79 14.16 -47.63
N ASP A 39 -6.13 13.59 -48.64
CA ASP A 39 -6.64 13.59 -50.02
C ASP A 39 -6.99 14.99 -50.48
N GLY A 40 -6.02 15.88 -50.35
CA GLY A 40 -6.12 17.22 -50.91
C GLY A 40 -6.91 18.22 -50.10
N VAL A 41 -7.65 17.79 -49.08
CA VAL A 41 -8.40 18.74 -48.27
C VAL A 41 -7.89 18.72 -46.83
N ASP A 42 -8.01 19.87 -46.18
CA ASP A 42 -7.56 20.02 -44.80
C ASP A 42 -8.61 19.49 -43.84
N VAL A 43 -8.15 18.73 -42.86
CA VAL A 43 -9.00 18.17 -41.82
C VAL A 43 -8.49 18.67 -40.48
N GLU A 44 -9.39 19.27 -39.69
CA GLU A 44 -9.03 19.76 -38.37
C GLU A 44 -8.64 18.62 -37.44
N LEU A 45 -7.45 18.72 -36.85
CA LEU A 45 -7.02 17.78 -35.81
C LEU A 45 -7.20 18.32 -34.40
N PHE A 46 -7.13 19.64 -34.20
CA PHE A 46 -7.07 20.19 -32.86
C PHE A 46 -7.32 21.70 -32.87
N GLU A 47 -8.23 22.18 -32.03
CA GLU A 47 -8.44 23.61 -31.82
C GLU A 47 -7.86 24.01 -30.48
N ASN A 48 -6.89 24.91 -30.49
CA ASN A 48 -6.24 25.34 -29.26
C ASN A 48 -7.19 26.22 -28.47
N LYS A 49 -7.61 25.75 -27.28
CA LYS A 49 -8.38 26.54 -26.34
C LYS A 49 -7.53 27.02 -25.17
N THR A 50 -6.21 26.80 -25.22
CA THR A 50 -5.34 27.08 -24.09
C THR A 50 -4.67 28.44 -24.29
N THR A 51 -3.91 28.85 -23.28
CA THR A 51 -3.08 30.04 -23.39
C THR A 51 -1.66 29.72 -23.84
N LEU A 52 -1.40 28.50 -24.29
CA LEU A 52 -0.11 28.13 -24.86
C LEU A 52 -0.14 28.30 -26.37
N PRO A 53 1.02 28.35 -27.02
CA PRO A 53 1.04 28.35 -28.49
C PRO A 53 0.36 27.10 -29.03
N VAL A 54 -0.32 27.28 -30.17
CA VAL A 54 -1.18 26.25 -30.75
C VAL A 54 -0.43 24.93 -30.95
N ASN A 55 0.80 24.98 -31.45
CA ASN A 55 1.51 23.73 -31.71
C ASN A 55 2.00 23.07 -30.42
N VAL A 56 2.26 23.87 -29.39
CA VAL A 56 2.64 23.34 -28.09
C VAL A 56 1.43 22.65 -27.44
N ALA A 57 0.31 23.36 -27.35
CA ALA A 57 -0.91 22.75 -26.79
C ALA A 57 -1.25 21.47 -27.51
N PHE A 58 -1.14 21.48 -28.84
CA PHE A 58 -1.39 20.28 -29.65
C PHE A 58 -0.52 19.12 -29.16
N GLU A 59 0.77 19.36 -28.96
CA GLU A 59 1.66 18.28 -28.53
C GLU A 59 1.28 17.79 -27.14
N LEU A 60 0.96 18.70 -26.23
CA LEU A 60 0.62 18.27 -24.87
C LEU A 60 -0.68 17.48 -24.86
N TRP A 61 -1.67 17.95 -25.63
CA TRP A 61 -2.92 17.21 -25.73
C TRP A 61 -2.69 15.81 -26.30
N ALA A 62 -1.91 15.73 -27.39
CA ALA A 62 -1.57 14.42 -27.95
C ALA A 62 -0.90 13.52 -26.93
N LYS A 63 -0.09 14.12 -26.04
CA LYS A 63 0.64 13.34 -25.06
C LYS A 63 -0.11 13.21 -23.73
N ARG A 64 -1.41 13.47 -23.74
CA ARG A 64 -2.20 13.38 -22.53
C ARG A 64 -2.19 11.97 -21.98
N ASN A 65 -2.31 11.85 -20.67
CA ASN A 65 -2.45 10.54 -20.04
C ASN A 65 -3.79 9.95 -20.43
N ILE A 66 -3.76 8.77 -21.04
CA ILE A 66 -4.98 8.08 -21.46
C ILE A 66 -5.32 6.92 -20.54
N LYS A 67 -4.66 6.82 -19.40
CA LYS A 67 -5.08 5.89 -18.36
C LYS A 67 -5.96 6.62 -17.37
N PRO A 68 -6.75 5.92 -16.56
CA PRO A 68 -7.51 6.61 -15.51
C PRO A 68 -6.56 7.40 -14.61
N VAL A 69 -6.92 8.65 -14.36
CA VAL A 69 -6.09 9.50 -13.52
C VAL A 69 -6.99 10.25 -12.55
N PRO A 70 -6.44 10.75 -11.45
CA PRO A 70 -7.24 11.54 -10.51
C PRO A 70 -7.91 12.71 -11.23
N GLU A 71 -9.10 13.06 -10.76
CA GLU A 71 -9.73 14.27 -11.26
C GLU A 71 -8.91 15.47 -10.84
N VAL A 72 -8.87 16.48 -11.72
CA VAL A 72 -8.02 17.65 -11.48
C VAL A 72 -8.34 18.29 -10.13
N LYS A 73 -9.61 18.26 -9.72
CA LYS A 73 -9.94 18.85 -8.41
C LYS A 73 -9.16 18.16 -7.29
N ILE A 74 -8.96 16.83 -7.39
CA ILE A 74 -8.15 16.13 -6.40
C ILE A 74 -6.71 16.63 -6.43
N LEU A 75 -6.09 16.63 -7.61
CA LEU A 75 -4.69 17.05 -7.72
C LEU A 75 -4.51 18.48 -7.22
N ASN A 76 -5.43 19.38 -7.58
CA ASN A 76 -5.37 20.75 -7.08
C ASN A 76 -5.47 20.80 -5.57
N ASN A 77 -6.42 20.04 -5.01
CA ASN A 77 -6.59 20.05 -3.56
C ASN A 77 -5.36 19.53 -2.83
N LEU A 78 -4.57 18.69 -3.49
CA LEU A 78 -3.33 18.16 -2.93
C LEU A 78 -2.12 19.02 -3.26
N GLY A 79 -2.30 20.14 -3.95
CA GLY A 79 -1.19 21.04 -4.22
C GLY A 79 -0.28 20.63 -5.35
N VAL A 80 -0.75 19.77 -6.25
CA VAL A 80 0.06 19.32 -7.38
C VAL A 80 0.37 20.48 -8.32
N ASP A 81 1.65 20.69 -8.61
CA ASP A 81 2.13 21.73 -9.51
C ASP A 81 2.48 21.21 -10.89
N ILE A 82 2.87 19.95 -11.01
CA ILE A 82 3.49 19.44 -12.23
C ILE A 82 3.44 17.93 -12.16
N ALA A 83 3.44 17.29 -13.33
CA ALA A 83 3.39 15.84 -13.43
C ALA A 83 4.71 15.30 -13.95
N ALA A 84 5.09 14.13 -13.43
CA ALA A 84 6.31 13.45 -13.84
C ALA A 84 6.06 12.67 -15.13
N ASN A 85 6.59 13.16 -16.24
CA ASN A 85 6.68 12.41 -17.50
C ASN A 85 5.32 11.99 -18.04
N THR A 86 4.35 12.89 -17.93
CA THR A 86 3.01 12.71 -18.48
C THR A 86 2.34 14.08 -18.46
N VAL A 87 1.21 14.16 -19.17
CA VAL A 87 0.35 15.34 -19.14
C VAL A 87 -1.01 14.92 -18.59
N ILE A 88 -1.44 15.57 -17.53
CA ILE A 88 -2.82 15.45 -17.06
C ILE A 88 -3.63 16.48 -17.83
N TRP A 89 -4.44 16.01 -18.78
CA TRP A 89 -5.26 16.94 -19.54
C TRP A 89 -6.49 17.29 -18.73
N ASP A 90 -6.75 18.60 -18.61
CA ASP A 90 -7.91 19.12 -17.89
C ASP A 90 -9.04 19.26 -18.91
N TYR A 91 -9.95 18.27 -18.93
CA TYR A 91 -11.02 18.27 -19.92
C TYR A 91 -12.11 19.29 -19.61
N LYS A 92 -12.09 19.90 -18.43
CA LYS A 92 -13.06 20.93 -18.11
C LYS A 92 -12.60 22.30 -18.55
N ARG A 93 -11.30 22.49 -18.76
CA ARG A 93 -10.74 23.71 -19.31
C ARG A 93 -10.20 23.54 -20.72
N ASP A 94 -10.33 22.36 -21.32
CA ASP A 94 -9.62 22.00 -22.56
C ASP A 94 -8.18 22.52 -22.53
N ALA A 95 -7.45 22.13 -21.48
CA ALA A 95 -6.10 22.66 -21.32
C ALA A 95 -5.31 21.72 -20.44
N PRO A 96 -3.97 21.78 -20.49
CA PRO A 96 -3.16 21.05 -19.52
C PRO A 96 -3.52 21.45 -18.10
N ALA A 97 -3.55 20.47 -17.20
CA ALA A 97 -3.81 20.81 -15.81
C ALA A 97 -2.68 21.63 -15.22
N HIS A 98 -1.48 21.56 -15.80
CA HIS A 98 -0.31 22.18 -15.19
C HIS A 98 0.47 22.96 -16.25
N ILE A 99 1.10 24.04 -15.80
CA ILE A 99 1.77 24.96 -16.72
C ILE A 99 2.93 24.27 -17.42
N SER A 100 3.79 23.60 -16.66
CA SER A 100 5.03 23.05 -17.17
C SER A 100 4.99 21.54 -17.18
N THR A 101 5.98 20.95 -17.82
CA THR A 101 6.11 19.51 -17.93
C THR A 101 7.51 19.08 -17.49
N ILE A 102 7.66 17.77 -17.30
CA ILE A 102 8.92 17.13 -17.04
C ILE A 102 9.04 15.98 -18.04
N GLY A 103 9.98 16.09 -18.98
CA GLY A 103 10.22 15.01 -19.92
C GLY A 103 9.11 14.75 -20.92
N VAL A 104 8.33 15.78 -21.26
CA VAL A 104 7.21 15.62 -22.20
C VAL A 104 7.43 16.39 -23.48
N CYS A 105 7.82 17.66 -23.38
CA CYS A 105 7.73 18.57 -24.51
C CYS A 105 8.85 19.61 -24.39
N SER A 106 9.59 19.81 -25.47
CA SER A 106 10.78 20.64 -25.36
C SER A 106 10.45 22.11 -25.11
N MET A 107 9.22 22.54 -25.41
CA MET A 107 8.83 23.93 -25.16
C MET A 107 8.35 24.16 -23.74
N THR A 108 7.74 23.16 -23.09
CA THR A 108 7.21 23.31 -21.74
C THR A 108 8.01 22.59 -20.66
N ASP A 109 8.96 21.72 -21.03
CA ASP A 109 9.77 21.02 -20.04
C ASP A 109 10.63 21.98 -19.25
N ILE A 110 10.53 21.89 -17.91
CA ILE A 110 11.53 22.54 -17.06
C ILE A 110 12.64 21.59 -16.69
N ALA A 111 12.54 20.32 -17.08
CA ALA A 111 13.47 19.25 -16.72
C ALA A 111 13.11 18.05 -17.56
N LYS A 112 14.10 17.19 -17.80
CA LYS A 112 13.83 15.90 -18.43
C LYS A 112 13.38 14.85 -17.43
N LYS A 113 13.88 14.92 -16.19
CA LYS A 113 13.58 13.93 -15.15
C LYS A 113 13.27 14.67 -13.86
N PRO A 114 12.32 14.16 -13.07
CA PRO A 114 11.93 14.85 -11.83
C PRO A 114 13.01 14.85 -10.74
N THR A 115 14.13 14.17 -10.94
CA THR A 115 15.24 14.26 -9.99
C THR A 115 16.05 15.54 -10.16
N GLU A 116 15.85 16.28 -11.24
CA GLU A 116 16.60 17.51 -11.44
C GLU A 116 16.20 18.53 -10.37
N THR A 117 17.16 19.31 -9.91
CA THR A 117 16.92 20.13 -8.72
C THR A 117 15.86 21.20 -8.95
N ILE A 118 15.63 21.61 -10.21
CA ILE A 118 14.56 22.58 -10.47
C ILE A 118 13.21 22.04 -10.01
N CYS A 119 13.05 20.72 -9.89
CA CYS A 119 11.80 20.11 -9.51
C CYS A 119 11.61 19.96 -8.02
N ALA A 120 12.68 20.10 -7.24
CA ALA A 120 12.60 19.90 -5.79
C ALA A 120 11.54 20.75 -5.10
N PRO A 121 11.42 22.06 -5.37
CA PRO A 121 10.38 22.84 -4.68
C PRO A 121 8.98 22.63 -5.22
N LEU A 122 8.81 21.93 -6.33
CA LEU A 122 7.50 21.71 -6.93
C LEU A 122 6.90 20.39 -6.45
N THR A 123 5.60 20.40 -6.20
CA THR A 123 4.90 19.15 -5.85
C THR A 123 4.66 18.38 -7.12
N VAL A 124 5.44 17.32 -7.33
CA VAL A 124 5.42 16.53 -8.55
C VAL A 124 4.43 15.40 -8.39
N PHE A 125 3.58 15.20 -9.41
CA PHE A 125 2.66 14.07 -9.42
C PHE A 125 3.38 12.85 -9.96
N PHE A 126 3.37 11.76 -9.19
CA PHE A 126 3.98 10.51 -9.57
C PHE A 126 2.92 9.43 -9.68
N ASP A 127 3.08 8.54 -10.65
CA ASP A 127 2.11 7.49 -10.94
C ASP A 127 2.78 6.14 -10.73
N GLY A 128 2.44 5.48 -9.62
CA GLY A 128 3.05 4.20 -9.29
C GLY A 128 2.80 3.10 -10.30
N ARG A 129 1.87 3.30 -11.24
CA ARG A 129 1.68 2.32 -12.30
C ARG A 129 2.78 2.37 -13.35
N VAL A 130 3.68 3.34 -13.27
CA VAL A 130 4.77 3.49 -14.22
C VAL A 130 6.06 3.06 -13.51
N ASP A 131 6.82 2.19 -14.16
CA ASP A 131 8.07 1.70 -13.59
C ASP A 131 8.93 2.84 -13.11
N GLY A 132 9.38 2.75 -11.86
CA GLY A 132 10.37 3.67 -11.35
C GLY A 132 9.82 4.90 -10.67
N GLN A 133 8.51 5.14 -10.69
CA GLN A 133 8.04 6.41 -10.16
C GLN A 133 7.70 6.37 -8.68
N VAL A 134 7.45 5.21 -8.09
CA VAL A 134 7.45 5.13 -6.63
C VAL A 134 8.82 5.57 -6.09
N ASP A 135 9.89 5.04 -6.70
CA ASP A 135 11.23 5.40 -6.24
C ASP A 135 11.49 6.89 -6.43
N LEU A 136 11.00 7.45 -7.53
CA LEU A 136 11.20 8.89 -7.76
C LEU A 136 10.42 9.70 -6.74
N PHE A 137 9.25 9.21 -6.31
CA PHE A 137 8.53 9.88 -5.23
C PHE A 137 9.34 9.87 -3.94
N ARG A 138 9.91 8.71 -3.59
CA ARG A 138 10.74 8.62 -2.39
C ARG A 138 11.89 9.61 -2.43
N ASN A 139 12.46 9.83 -3.61
CA ASN A 139 13.60 10.73 -3.72
C ASN A 139 13.19 12.19 -3.90
N ALA A 140 11.91 12.46 -4.16
CA ALA A 140 11.47 13.82 -4.43
C ALA A 140 11.28 14.60 -3.13
N ARG A 141 11.65 15.88 -3.16
CA ARG A 141 11.42 16.72 -1.99
C ARG A 141 9.93 16.99 -1.79
N ASN A 142 9.19 17.20 -2.88
CA ASN A 142 7.76 17.49 -2.84
C ASN A 142 7.07 16.65 -3.89
N GLY A 143 5.96 16.00 -3.54
CA GLY A 143 5.33 15.13 -4.50
C GLY A 143 4.01 14.60 -4.00
N VAL A 144 3.23 14.09 -4.95
CA VAL A 144 2.02 13.32 -4.69
C VAL A 144 2.12 12.04 -5.51
N LEU A 145 1.82 10.92 -4.88
CA LEU A 145 1.95 9.61 -5.52
C LEU A 145 0.61 8.91 -5.47
N ILE A 146 0.26 8.24 -6.57
CA ILE A 146 -0.86 7.30 -6.57
C ILE A 146 -0.33 5.92 -6.92
N THR A 147 -0.96 4.92 -6.32
CA THR A 147 -0.64 3.53 -6.60
C THR A 147 -1.91 2.71 -6.61
N GLU A 148 -1.82 1.53 -7.22
CA GLU A 148 -2.90 0.56 -7.19
C GLU A 148 -2.81 -0.39 -6.01
N GLY A 149 -1.67 -0.40 -5.30
CA GLY A 149 -1.47 -1.29 -4.17
C GLY A 149 -0.53 -0.75 -3.12
N SER A 150 -0.13 -1.58 -2.17
CA SER A 150 0.66 -1.13 -1.04
C SER A 150 2.09 -0.80 -1.46
N VAL A 151 2.62 0.26 -0.86
CA VAL A 151 4.01 0.64 -0.95
C VAL A 151 4.62 0.41 0.43
N LYS A 152 5.66 -0.43 0.50
CA LYS A 152 6.16 -0.87 1.79
C LYS A 152 6.58 0.31 2.65
N GLY A 153 6.02 0.38 3.85
CA GLY A 153 6.32 1.44 4.79
C GLY A 153 5.48 2.69 4.66
N LEU A 154 4.90 2.96 3.49
CA LEU A 154 4.17 4.19 3.24
C LEU A 154 2.72 4.03 3.64
N GLN A 155 2.28 4.78 4.64
CA GLN A 155 0.90 4.69 5.11
C GLN A 155 -0.02 5.27 4.03
N PRO A 156 -0.97 4.51 3.51
CA PRO A 156 -1.76 4.97 2.38
C PRO A 156 -3.00 5.75 2.80
N SER A 157 -3.51 6.52 1.85
CA SER A 157 -4.82 7.15 1.94
C SER A 157 -5.65 6.59 0.79
N VAL A 158 -6.78 5.98 1.11
CA VAL A 158 -7.66 5.44 0.07
C VAL A 158 -8.40 6.60 -0.60
N GLY A 159 -8.24 6.73 -1.91
CA GLY A 159 -8.81 7.84 -2.63
C GLY A 159 -10.25 7.62 -3.04
N PRO A 160 -10.80 8.52 -3.84
CA PRO A 160 -12.17 8.34 -4.31
C PRO A 160 -12.30 7.11 -5.19
N LYS A 161 -13.53 6.61 -5.29
CA LYS A 161 -13.77 5.48 -6.18
C LYS A 161 -13.53 5.84 -7.63
N GLN A 162 -13.79 7.09 -8.01
CA GLN A 162 -13.81 7.48 -9.41
C GLN A 162 -12.48 8.10 -9.85
N ALA A 163 -12.20 7.97 -11.14
CA ALA A 163 -11.09 8.66 -11.77
C ALA A 163 -11.54 9.13 -13.15
N SER A 164 -10.70 9.93 -13.79
CA SER A 164 -11.01 10.45 -15.12
C SER A 164 -10.25 9.65 -16.17
N LEU A 165 -10.99 9.02 -17.07
CA LEU A 165 -10.43 8.30 -18.20
C LEU A 165 -10.84 9.03 -19.48
N ASN A 166 -9.88 9.71 -20.10
CA ASN A 166 -10.12 10.51 -21.31
C ASN A 166 -11.32 11.44 -21.13
N GLY A 167 -11.30 12.19 -20.04
CA GLY A 167 -12.36 13.14 -19.78
C GLY A 167 -13.64 12.55 -19.27
N VAL A 168 -13.76 11.23 -19.19
CA VAL A 168 -14.95 10.58 -18.66
C VAL A 168 -14.65 10.19 -17.21
N THR A 169 -15.44 10.73 -16.28
CA THR A 169 -15.31 10.36 -14.88
C THR A 169 -16.12 9.10 -14.63
N LEU A 170 -15.49 8.10 -14.05
CA LEU A 170 -16.14 6.80 -13.95
C LEU A 170 -15.53 6.02 -12.78
N ILE A 171 -16.31 5.06 -12.30
CA ILE A 171 -15.84 4.09 -11.33
C ILE A 171 -15.53 2.83 -12.11
N GLY A 172 -14.26 2.45 -12.12
CA GLY A 172 -13.81 1.45 -13.07
C GLY A 172 -14.31 0.05 -12.76
N GLU A 173 -14.56 -0.71 -13.83
CA GLU A 173 -14.91 -2.12 -13.75
C GLU A 173 -13.94 -2.98 -14.52
N ALA A 174 -13.60 -2.60 -15.75
CA ALA A 174 -12.52 -3.24 -16.49
C ALA A 174 -11.16 -2.61 -16.22
N VAL A 175 -11.14 -1.49 -15.49
CA VAL A 175 -9.89 -0.84 -15.09
C VAL A 175 -10.07 -0.39 -13.65
N LYS A 176 -8.95 -0.18 -12.98
CA LYS A 176 -8.96 0.28 -11.60
C LYS A 176 -8.91 1.81 -11.57
N THR A 177 -9.82 2.42 -10.82
CA THR A 177 -9.86 3.86 -10.67
C THR A 177 -9.72 4.33 -9.23
N GLN A 178 -9.68 3.42 -8.27
CA GLN A 178 -9.49 3.77 -6.86
C GLN A 178 -8.01 3.58 -6.51
N PHE A 179 -7.34 4.66 -6.17
CA PHE A 179 -5.92 4.62 -5.88
C PHE A 179 -5.64 4.85 -4.40
N ASN A 180 -4.49 4.37 -3.95
CA ASN A 180 -3.90 4.89 -2.73
C ASN A 180 -3.23 6.23 -3.05
N TYR A 181 -3.36 7.19 -2.15
CA TYR A 181 -2.73 8.49 -2.32
C TYR A 181 -1.65 8.69 -1.25
N TYR A 182 -0.58 9.35 -1.64
CA TYR A 182 0.51 9.70 -0.73
C TYR A 182 0.99 11.10 -1.10
N LYS A 183 1.54 11.81 -0.10
CA LYS A 183 1.98 13.19 -0.30
C LYS A 183 3.23 13.44 0.53
N LYS A 184 4.16 14.21 -0.04
CA LYS A 184 5.37 14.64 0.65
C LYS A 184 5.48 16.15 0.56
N VAL A 185 5.78 16.79 1.69
CA VAL A 185 6.12 18.21 1.75
C VAL A 185 7.49 18.34 2.40
N ASP A 186 8.38 19.08 1.75
CA ASP A 186 9.72 19.36 2.27
C ASP A 186 10.42 18.07 2.72
N GLY A 187 10.43 17.08 1.84
CA GLY A 187 11.09 15.81 2.11
C GLY A 187 10.40 14.90 3.08
N VAL A 188 9.28 15.34 3.68
CA VAL A 188 8.64 14.61 4.76
C VAL A 188 7.25 14.17 4.30
N VAL A 189 7.00 12.86 4.36
CA VAL A 189 5.68 12.34 4.06
C VAL A 189 4.66 12.94 5.03
N GLN A 190 3.51 13.34 4.50
CA GLN A 190 2.44 13.90 5.31
C GLN A 190 1.29 12.92 5.47
N GLN A 191 0.73 12.91 6.67
CA GLN A 191 -0.58 12.34 6.93
C GLN A 191 -1.63 12.99 6.04
N LEU A 192 -2.26 12.19 5.18
CA LEU A 192 -3.40 12.80 4.53
C LEU A 192 -4.62 12.73 5.45
N PRO A 193 -5.44 13.78 5.47
CA PRO A 193 -6.55 13.82 6.43
C PRO A 193 -7.67 12.85 6.06
N GLU A 194 -8.43 12.47 7.08
CA GLU A 194 -9.72 11.82 6.84
C GLU A 194 -10.61 12.77 6.06
N THR A 195 -11.38 12.23 5.13
CA THR A 195 -12.04 13.09 4.17
C THR A 195 -13.27 12.41 3.59
N TYR A 196 -14.28 13.22 3.30
CA TYR A 196 -15.32 12.81 2.37
C TYR A 196 -14.81 13.02 0.94
N PHE A 197 -15.53 12.44 -0.02
CA PHE A 197 -15.24 12.68 -1.43
C PHE A 197 -16.51 13.09 -2.14
N THR A 198 -16.40 14.11 -2.99
CA THR A 198 -17.53 14.46 -3.85
C THR A 198 -17.73 13.37 -4.89
N GLN A 199 -18.97 13.24 -5.37
CA GLN A 199 -19.35 12.11 -6.22
C GLN A 199 -19.16 12.36 -7.71
N SER A 200 -18.99 13.62 -8.13
CA SER A 200 -18.62 13.96 -9.51
C SER A 200 -19.70 13.58 -10.52
N ARG A 201 -20.96 13.74 -10.14
CA ARG A 201 -22.06 13.39 -11.05
C ARG A 201 -22.49 14.60 -11.87
N ASN A 202 -23.09 14.31 -13.04
CA ASN A 202 -23.68 15.32 -13.90
C ASN A 202 -25.10 15.63 -13.44
N LEU A 203 -25.57 16.83 -13.79
CA LEU A 203 -26.96 17.15 -13.54
C LEU A 203 -27.89 16.40 -14.48
N GLN A 204 -27.48 16.24 -15.74
CA GLN A 204 -28.34 15.62 -16.74
C GLN A 204 -28.55 14.14 -16.45
N GLU A 205 -27.46 13.40 -16.28
CA GLU A 205 -27.51 11.95 -16.11
C GLU A 205 -27.20 11.54 -14.67
N PHE A 206 -27.79 12.24 -13.71
CA PHE A 206 -27.58 11.95 -12.30
C PHE A 206 -28.22 10.61 -11.92
N LYS A 207 -27.47 9.82 -11.15
CA LYS A 207 -27.97 8.53 -10.68
C LYS A 207 -27.73 8.40 -9.17
N PRO A 208 -28.74 8.01 -8.40
CA PRO A 208 -28.55 7.86 -6.96
C PRO A 208 -27.62 6.71 -6.63
N ARG A 209 -27.00 6.79 -5.45
CA ARG A 209 -26.00 5.80 -5.06
C ARG A 209 -26.21 5.33 -3.63
N SER A 210 -27.47 5.29 -3.18
CA SER A 210 -27.82 4.76 -1.88
C SER A 210 -29.33 4.71 -1.78
N GLN A 211 -29.82 4.01 -0.76
CA GLN A 211 -31.25 3.98 -0.51
C GLN A 211 -31.79 5.37 -0.17
N MET A 212 -31.03 6.13 0.64
CA MET A 212 -31.43 7.51 0.95
C MET A 212 -31.62 8.33 -0.32
N GLU A 213 -30.74 8.15 -1.30
CA GLU A 213 -30.79 8.99 -2.49
C GLU A 213 -31.92 8.60 -3.42
N ILE A 214 -32.23 7.30 -3.52
CA ILE A 214 -33.44 6.91 -4.23
C ILE A 214 -34.67 7.43 -3.49
N ASP A 215 -34.63 7.42 -2.17
CA ASP A 215 -35.76 7.96 -1.41
C ASP A 215 -35.97 9.43 -1.71
N PHE A 216 -34.89 10.21 -1.67
CA PHE A 216 -34.99 11.64 -1.94
C PHE A 216 -35.59 11.91 -3.31
N LEU A 217 -35.21 11.10 -4.32
CA LEU A 217 -35.63 11.39 -5.69
C LEU A 217 -37.10 11.03 -5.93
N GLU A 218 -37.57 9.92 -5.35
CA GLU A 218 -38.99 9.57 -5.47
C GLU A 218 -39.89 9.99 -4.31
N LEU A 219 -39.41 10.21 -3.10
CA LEU A 219 -40.36 10.70 -2.11
C LEU A 219 -40.64 12.18 -2.32
N ALA A 220 -41.86 12.60 -1.95
CA ALA A 220 -42.15 14.01 -1.84
C ALA A 220 -41.33 14.60 -0.69
N MET A 221 -41.22 15.94 -0.67
CA MET A 221 -40.34 16.58 0.29
C MET A 221 -40.74 16.24 1.72
N ASP A 222 -42.04 16.20 2.01
CA ASP A 222 -42.47 16.05 3.39
C ASP A 222 -42.27 14.62 3.89
N GLU A 223 -42.53 13.62 3.04
CA GLU A 223 -42.38 12.24 3.51
C GLU A 223 -40.92 11.83 3.58
N PHE A 224 -40.06 12.36 2.71
CA PHE A 224 -38.63 12.11 2.86
C PHE A 224 -38.12 12.69 4.18
N ILE A 225 -38.48 13.95 4.47
CA ILE A 225 -37.99 14.59 5.68
C ILE A 225 -38.50 13.85 6.91
N GLU A 226 -39.66 13.18 6.82
CA GLU A 226 -40.14 12.46 7.99
C GLU A 226 -39.20 11.30 8.23
N ARG A 227 -39.09 10.47 7.19
CA ARG A 227 -38.49 9.14 7.22
C ARG A 227 -37.05 9.16 7.68
N TYR A 228 -36.33 10.22 7.38
CA TYR A 228 -34.94 10.35 7.78
C TYR A 228 -34.77 11.36 8.90
N LYS A 229 -35.87 11.71 9.56
CA LYS A 229 -35.89 12.50 10.78
C LYS A 229 -35.03 13.74 10.64
N LEU A 230 -35.40 14.57 9.65
CA LEU A 230 -34.63 15.74 9.27
C LEU A 230 -35.33 17.04 9.66
N GLU A 231 -36.40 16.95 10.44
CA GLU A 231 -37.09 18.15 10.92
C GLU A 231 -36.12 19.05 11.66
N GLY A 232 -36.21 20.34 11.38
CA GLY A 232 -35.33 21.31 11.99
C GLY A 232 -33.97 21.46 11.35
N TYR A 233 -33.69 20.72 10.28
CA TYR A 233 -32.42 20.80 9.58
C TYR A 233 -32.52 21.53 8.24
N ALA A 234 -33.70 22.01 7.88
CA ALA A 234 -33.87 22.97 6.79
C ALA A 234 -33.44 22.41 5.44
N PHE A 235 -33.70 21.12 5.20
CA PHE A 235 -33.55 20.64 3.83
C PHE A 235 -34.56 21.26 2.88
N GLU A 236 -35.66 21.82 3.41
CA GLU A 236 -36.58 22.56 2.56
C GLU A 236 -35.84 23.68 1.83
N HIS A 237 -34.95 24.37 2.54
CA HIS A 237 -34.14 25.45 1.99
C HIS A 237 -32.84 24.92 1.38
N ILE A 238 -32.03 24.21 2.17
CA ILE A 238 -30.66 23.87 1.77
C ILE A 238 -30.66 22.98 0.54
N VAL A 239 -31.44 21.91 0.56
CA VAL A 239 -31.33 20.85 -0.44
C VAL A 239 -32.41 20.95 -1.50
N TYR A 240 -33.67 21.12 -1.09
CA TYR A 240 -34.76 21.17 -2.05
C TYR A 240 -34.78 22.50 -2.79
N GLY A 241 -34.43 23.59 -2.14
CA GLY A 241 -34.40 24.89 -2.78
C GLY A 241 -35.70 25.66 -2.65
N ASP A 242 -35.60 26.95 -2.41
CA ASP A 242 -36.75 27.82 -2.21
C ASP A 242 -36.86 28.75 -3.41
N PHE A 243 -37.90 28.55 -4.22
CA PHE A 243 -38.07 29.26 -5.48
C PHE A 243 -39.18 30.32 -5.40
N SER A 244 -39.59 30.69 -4.19
CA SER A 244 -40.74 31.55 -4.00
C SER A 244 -40.39 33.03 -4.06
N HIS A 245 -39.17 33.41 -3.71
CA HIS A 245 -38.73 34.79 -3.79
C HIS A 245 -37.82 35.00 -4.99
N SER A 246 -37.50 36.27 -5.26
CA SER A 246 -36.68 36.58 -6.43
C SER A 246 -35.27 36.04 -6.27
N GLN A 247 -34.69 36.16 -5.09
CA GLN A 247 -33.45 35.46 -4.79
C GLN A 247 -33.76 34.01 -4.47
N LEU A 248 -33.25 33.11 -5.30
CA LEU A 248 -33.41 31.68 -5.07
C LEU A 248 -32.73 31.31 -3.76
N GLY A 249 -33.48 30.59 -2.90
CA GLY A 249 -32.98 30.23 -1.59
C GLY A 249 -32.34 28.85 -1.60
N GLY A 250 -31.18 28.75 -0.95
CA GLY A 250 -30.54 27.45 -0.75
C GLY A 250 -30.14 26.76 -2.05
N LEU A 251 -30.49 25.48 -2.14
CA LEU A 251 -30.22 24.63 -3.30
C LEU A 251 -28.73 24.42 -3.49
N HIS A 252 -28.08 23.79 -2.52
CA HIS A 252 -26.62 23.68 -2.53
C HIS A 252 -26.13 22.25 -2.73
N LEU A 253 -27.02 21.27 -2.83
CA LEU A 253 -26.65 19.88 -3.07
C LEU A 253 -27.04 19.50 -4.48
N LEU A 254 -26.11 18.89 -5.21
CA LEU A 254 -26.37 18.53 -6.60
C LEU A 254 -27.62 17.67 -6.74
N ILE A 255 -27.85 16.77 -5.78
CA ILE A 255 -29.04 15.91 -5.87
C ILE A 255 -30.31 16.75 -5.85
N GLY A 256 -30.30 17.87 -5.10
CA GLY A 256 -31.47 18.75 -5.08
C GLY A 256 -31.71 19.39 -6.44
N LEU A 257 -30.63 19.87 -7.07
CA LEU A 257 -30.74 20.35 -8.43
C LEU A 257 -31.26 19.25 -9.36
N ALA A 258 -30.79 18.02 -9.16
CA ALA A 258 -31.21 16.91 -10.01
C ALA A 258 -32.71 16.65 -9.88
N LYS A 259 -33.24 16.71 -8.66
CA LYS A 259 -34.67 16.53 -8.47
C LYS A 259 -35.46 17.61 -9.20
N ARG A 260 -35.06 18.87 -9.03
CA ARG A 260 -35.73 19.97 -9.70
C ARG A 260 -35.68 19.84 -11.21
N PHE A 261 -34.53 19.41 -11.74
CA PHE A 261 -34.33 19.40 -13.19
C PHE A 261 -35.32 18.47 -13.89
N LYS A 262 -35.65 17.34 -13.26
CA LYS A 262 -36.63 16.43 -13.86
C LYS A 262 -38.03 17.04 -13.92
N GLU A 263 -38.31 18.04 -13.09
CA GLU A 263 -39.62 18.68 -13.07
C GLU A 263 -39.68 19.83 -14.06
N SER A 264 -38.77 20.80 -13.93
CA SER A 264 -38.74 22.00 -14.74
C SER A 264 -37.29 22.42 -14.91
N PRO A 265 -36.90 22.93 -16.07
CA PRO A 265 -35.49 23.20 -16.34
C PRO A 265 -35.03 24.50 -15.68
N PHE A 266 -33.72 24.68 -15.65
CA PHE A 266 -33.12 25.93 -15.19
C PHE A 266 -31.77 26.11 -15.86
N GLU A 267 -31.29 27.34 -15.84
CA GLU A 267 -30.00 27.73 -16.40
C GLU A 267 -28.94 27.71 -15.29
N LEU A 268 -27.78 27.18 -15.61
CA LEU A 268 -26.62 27.17 -14.70
C LEU A 268 -25.45 27.82 -15.43
N GLU A 269 -25.18 29.10 -15.18
CA GLU A 269 -24.00 29.71 -15.78
C GLU A 269 -22.78 29.32 -14.95
N ASP A 270 -21.91 28.53 -15.56
CA ASP A 270 -20.63 28.10 -14.99
C ASP A 270 -19.60 29.19 -15.23
N PHE A 271 -19.67 30.26 -14.43
CA PHE A 271 -18.86 31.43 -14.75
C PHE A 271 -17.40 31.31 -14.35
N ILE A 272 -17.01 30.28 -13.60
CA ILE A 272 -15.60 29.94 -13.44
C ILE A 272 -15.43 28.49 -13.88
N PRO A 273 -15.36 28.21 -15.18
CA PRO A 273 -15.41 26.81 -15.64
C PRO A 273 -14.13 26.04 -15.38
N MET A 274 -14.06 25.43 -14.19
CA MET A 274 -12.92 24.63 -13.80
C MET A 274 -13.43 23.52 -12.89
N ASP A 275 -12.63 22.47 -12.77
CA ASP A 275 -12.94 21.38 -11.84
C ASP A 275 -12.64 21.86 -10.44
N SER A 276 -13.63 21.80 -9.54
CA SER A 276 -13.35 22.09 -8.14
C SER A 276 -14.39 21.42 -7.26
N THR A 277 -13.99 21.19 -6.00
CA THR A 277 -14.82 20.46 -5.05
C THR A 277 -16.16 21.15 -4.85
N VAL A 278 -16.16 22.46 -4.73
CA VAL A 278 -17.37 23.26 -4.67
C VAL A 278 -17.44 24.07 -5.97
N LYS A 279 -18.59 24.00 -6.64
CA LYS A 279 -18.82 24.77 -7.85
C LYS A 279 -19.74 25.94 -7.56
N ASN A 280 -19.52 27.06 -8.25
CA ASN A 280 -20.38 28.24 -8.15
C ASN A 280 -21.10 28.46 -9.47
N TYR A 281 -22.43 28.55 -9.40
CA TYR A 281 -23.24 28.78 -10.58
C TYR A 281 -24.11 30.02 -10.38
N PHE A 282 -24.25 30.81 -11.43
CA PHE A 282 -25.36 31.74 -11.51
C PHE A 282 -26.53 31.11 -12.23
N ILE A 283 -27.55 30.84 -11.43
CA ILE A 283 -28.66 29.94 -11.73
C ILE A 283 -29.92 30.78 -11.91
N THR A 284 -30.72 30.41 -12.89
CA THR A 284 -31.99 31.08 -13.17
C THR A 284 -33.04 30.01 -13.34
N ASP A 285 -34.03 29.98 -12.46
CA ASP A 285 -35.10 29.01 -12.58
C ASP A 285 -36.05 29.44 -13.69
N ALA A 286 -36.21 28.57 -14.69
CA ALA A 286 -37.02 28.92 -15.86
C ALA A 286 -38.50 28.98 -15.52
N GLN A 287 -38.96 28.15 -14.60
CA GLN A 287 -40.39 28.14 -14.25
C GLN A 287 -40.78 29.42 -13.51
N THR A 288 -40.02 29.78 -12.48
CA THR A 288 -40.43 30.85 -11.57
C THR A 288 -39.74 32.19 -11.82
N GLY A 289 -38.55 32.20 -12.42
CA GLY A 289 -37.76 33.40 -12.46
C GLY A 289 -36.97 33.67 -11.20
N SER A 290 -37.07 32.79 -10.20
CA SER A 290 -36.17 32.88 -9.07
C SER A 290 -34.74 32.64 -9.54
N SER A 291 -33.81 33.43 -9.01
CA SER A 291 -32.43 33.36 -9.48
C SER A 291 -31.47 33.70 -8.34
N LYS A 292 -30.19 33.39 -8.56
CA LYS A 292 -29.14 33.70 -7.59
C LYS A 292 -27.80 33.79 -8.29
N CYS A 293 -27.07 34.88 -8.00
CA CYS A 293 -25.83 35.18 -8.73
C CYS A 293 -24.74 34.18 -8.43
N VAL A 294 -24.62 33.76 -7.18
CA VAL A 294 -23.58 32.85 -6.76
C VAL A 294 -24.26 31.77 -5.92
N CYS A 295 -24.58 30.66 -6.55
CA CYS A 295 -25.17 29.50 -5.88
C CYS A 295 -24.08 28.43 -5.79
N SER A 296 -23.50 28.28 -4.60
CA SER A 296 -22.49 27.25 -4.41
C SER A 296 -23.16 25.88 -4.38
N VAL A 297 -22.62 24.94 -5.14
CA VAL A 297 -23.16 23.60 -5.25
C VAL A 297 -22.04 22.60 -5.00
N ILE A 298 -22.35 21.56 -4.23
CA ILE A 298 -21.43 20.46 -3.99
C ILE A 298 -22.17 19.16 -4.22
N ASP A 299 -21.48 18.16 -4.77
CA ASP A 299 -22.06 16.84 -4.98
C ASP A 299 -21.53 15.88 -3.92
N LEU A 300 -22.13 15.97 -2.73
CA LEU A 300 -21.91 14.94 -1.72
C LEU A 300 -23.00 13.88 -1.84
N LEU A 301 -22.62 12.65 -1.53
CA LEU A 301 -23.64 11.65 -1.25
C LEU A 301 -24.54 12.19 -0.15
N LEU A 302 -25.86 12.15 -0.40
CA LEU A 302 -26.80 12.76 0.53
C LEU A 302 -26.58 12.25 1.96
N ASP A 303 -26.39 10.93 2.08
CA ASP A 303 -25.91 10.26 3.28
C ASP A 303 -24.81 11.05 3.98
N ASP A 304 -23.74 11.33 3.25
CA ASP A 304 -22.62 12.08 3.82
C ASP A 304 -23.06 13.46 4.26
N PHE A 305 -23.88 14.14 3.45
CA PHE A 305 -24.34 15.47 3.84
C PHE A 305 -25.21 15.39 5.09
N VAL A 306 -26.10 14.39 5.16
CA VAL A 306 -26.93 14.21 6.35
C VAL A 306 -26.04 14.01 7.58
N GLU A 307 -25.03 13.13 7.45
CA GLU A 307 -24.08 12.92 8.53
C GLU A 307 -23.43 14.22 8.96
N ILE A 308 -23.02 15.04 7.99
CA ILE A 308 -22.30 16.27 8.30
C ILE A 308 -23.19 17.24 9.08
N ILE A 309 -24.40 17.48 8.58
CA ILE A 309 -25.24 18.52 9.19
C ILE A 309 -25.74 18.08 10.56
N LYS A 310 -26.07 16.80 10.72
CA LYS A 310 -26.51 16.31 12.02
C LYS A 310 -25.38 16.29 13.04
N SER A 311 -24.12 16.32 12.59
CA SER A 311 -22.98 16.34 13.48
C SER A 311 -22.85 17.66 14.24
N GLN A 312 -23.63 18.67 13.87
CA GLN A 312 -23.34 20.05 14.20
C GLN A 312 -24.05 20.51 15.47
N ASP A 313 -23.37 21.37 16.22
CA ASP A 313 -23.98 22.08 17.34
C ASP A 313 -24.94 23.15 16.79
N LEU A 314 -26.21 23.05 17.17
CA LEU A 314 -27.24 23.94 16.65
C LEU A 314 -27.56 25.10 17.59
N SER A 315 -26.65 25.44 18.50
CA SER A 315 -26.95 26.36 19.59
C SER A 315 -26.28 27.73 19.45
N VAL A 316 -25.67 28.02 18.31
CA VAL A 316 -25.09 29.34 18.07
C VAL A 316 -25.76 29.91 16.82
N VAL A 317 -25.84 31.24 16.77
CA VAL A 317 -26.52 31.91 15.65
C VAL A 317 -25.80 31.60 14.34
N SER A 318 -24.52 31.97 14.26
CA SER A 318 -23.73 31.75 13.06
C SER A 318 -22.34 31.26 13.44
N LYS A 319 -21.79 30.36 12.63
CA LYS A 319 -20.41 29.93 12.83
C LYS A 319 -19.90 29.26 11.56
N VAL A 320 -18.59 29.37 11.36
CA VAL A 320 -17.92 28.65 10.28
C VAL A 320 -17.76 27.19 10.69
N VAL A 321 -18.03 26.28 9.76
CA VAL A 321 -17.91 24.85 10.01
C VAL A 321 -16.97 24.28 8.96
N LYS A 322 -15.86 23.70 9.41
CA LYS A 322 -14.82 23.19 8.53
C LYS A 322 -15.06 21.70 8.29
N VAL A 323 -15.19 21.30 7.03
CA VAL A 323 -15.33 19.89 6.67
C VAL A 323 -14.30 19.52 5.62
N THR A 324 -13.62 18.39 5.82
CA THR A 324 -12.62 17.92 4.89
C THR A 324 -13.30 17.15 3.77
N ILE A 325 -13.18 17.64 2.55
CA ILE A 325 -13.80 17.04 1.36
C ILE A 325 -12.78 17.07 0.25
N ASP A 326 -12.61 15.93 -0.43
CA ASP A 326 -11.62 15.83 -1.51
C ASP A 326 -10.24 16.27 -1.03
N TYR A 327 -9.91 16.00 0.23
CA TYR A 327 -8.66 16.28 0.92
C TYR A 327 -8.49 17.76 1.27
N THR A 328 -9.35 18.65 0.80
CA THR A 328 -9.23 20.07 1.12
C THR A 328 -10.25 20.42 2.19
N GLU A 329 -10.00 21.51 2.89
CA GLU A 329 -10.88 21.89 3.99
C GLU A 329 -11.90 22.89 3.45
N ILE A 330 -13.17 22.50 3.50
CA ILE A 330 -14.27 23.25 2.91
C ILE A 330 -15.04 23.93 4.05
N SER A 331 -15.06 25.26 4.03
CA SER A 331 -15.78 26.02 5.05
C SER A 331 -17.26 26.12 4.69
N PHE A 332 -18.11 25.84 5.68
CA PHE A 332 -19.54 26.07 5.55
C PHE A 332 -19.96 27.17 6.51
N MET A 333 -21.01 27.89 6.14
CA MET A 333 -21.68 28.80 7.06
C MET A 333 -22.90 28.09 7.63
N LEU A 334 -23.02 28.09 8.96
CA LEU A 334 -24.16 27.46 9.64
C LEU A 334 -24.93 28.53 10.39
N TRP A 335 -26.17 28.77 9.98
CA TRP A 335 -27.04 29.75 10.62
C TRP A 335 -28.17 29.02 11.33
N CYS A 336 -28.28 29.23 12.64
CA CYS A 336 -29.27 28.56 13.46
C CYS A 336 -30.11 29.60 14.18
N LYS A 337 -31.19 29.11 14.79
CA LYS A 337 -32.14 29.89 15.56
C LYS A 337 -32.94 28.89 16.39
N ASP A 338 -33.06 29.14 17.69
CA ASP A 338 -33.91 28.32 18.58
C ASP A 338 -33.68 26.82 18.39
N GLY A 339 -32.41 26.43 18.25
CA GLY A 339 -32.08 25.01 18.15
C GLY A 339 -32.46 24.33 16.86
N HIS A 340 -32.84 25.07 15.82
CA HIS A 340 -33.03 24.48 14.50
C HIS A 340 -32.18 25.21 13.47
N VAL A 341 -31.93 24.52 12.36
CA VAL A 341 -31.10 25.07 11.29
C VAL A 341 -31.93 26.03 10.46
N GLU A 342 -31.36 27.21 10.18
CA GLU A 342 -31.94 28.09 9.17
C GLU A 342 -31.33 27.82 7.80
N THR A 343 -30.01 28.00 7.68
CA THR A 343 -29.32 27.64 6.45
C THR A 343 -27.92 27.12 6.77
N PHE A 344 -27.36 26.43 5.77
CA PHE A 344 -26.06 25.77 5.88
C PHE A 344 -25.53 25.65 4.46
N TYR A 345 -24.45 26.36 4.14
CA TYR A 345 -24.04 26.44 2.75
C TYR A 345 -22.51 26.57 2.67
N PRO A 346 -21.91 26.07 1.58
CA PRO A 346 -20.47 26.31 1.36
C PRO A 346 -20.17 27.80 1.33
N LYS A 347 -19.32 28.23 2.25
CA LYS A 347 -19.07 29.66 2.44
C LYS A 347 -18.41 30.30 1.23
N LEU A 348 -19.01 31.38 0.74
CA LEU A 348 -18.46 32.12 -0.39
C LEU A 348 -17.29 32.98 0.10
N GLN A 349 -16.15 32.85 -0.59
CA GLN A 349 -14.91 33.49 -0.13
C GLN A 349 -14.65 34.82 -0.82
N ALA B 2 8.05 -50.22 2.95
CA ALA B 2 7.68 -50.74 4.25
C ALA B 2 8.24 -49.85 5.37
N MET B 3 7.38 -48.99 5.91
CA MET B 3 7.83 -48.01 6.88
C MET B 3 7.93 -48.66 8.27
N SER B 4 8.98 -48.29 9.01
CA SER B 4 9.22 -48.91 10.30
C SER B 4 10.12 -48.03 11.14
N LEU B 5 9.92 -48.09 12.45
CA LEU B 5 10.82 -47.38 13.37
C LEU B 5 12.27 -47.81 13.13
N GLU B 6 12.49 -49.13 13.03
CA GLU B 6 13.85 -49.65 12.88
C GLU B 6 14.49 -49.25 11.56
N ASN B 7 13.71 -49.18 10.47
CA ASN B 7 14.30 -48.73 9.22
C ASN B 7 14.57 -47.22 9.22
N VAL B 8 13.72 -46.43 9.87
CA VAL B 8 14.03 -45.01 10.03
C VAL B 8 15.35 -44.85 10.78
N ALA B 9 15.51 -45.58 11.88
CA ALA B 9 16.76 -45.53 12.63
C ALA B 9 17.94 -46.00 11.79
N PHE B 10 17.76 -47.07 11.00
CA PHE B 10 18.83 -47.50 10.10
C PHE B 10 19.27 -46.36 9.19
N ASN B 11 18.31 -45.65 8.61
CA ASN B 11 18.68 -44.55 7.72
C ASN B 11 19.41 -43.45 8.48
N VAL B 12 18.93 -43.10 9.67
CA VAL B 12 19.61 -42.08 10.47
C VAL B 12 21.06 -42.49 10.72
N VAL B 13 21.27 -43.73 11.17
CA VAL B 13 22.62 -44.19 11.52
C VAL B 13 23.53 -44.21 10.30
N ASN B 14 23.02 -44.67 9.16
CA ASN B 14 23.89 -44.92 8.02
C ASN B 14 23.91 -43.80 7.00
N LYS B 15 22.85 -43.00 6.92
CA LYS B 15 22.78 -41.92 5.93
C LYS B 15 22.65 -40.54 6.55
N GLY B 16 22.60 -40.43 7.88
CA GLY B 16 22.51 -39.15 8.55
C GLY B 16 21.13 -38.52 8.54
N HIS B 17 20.15 -39.17 7.93
CA HIS B 17 18.79 -38.69 7.78
C HIS B 17 18.05 -39.78 7.00
N PHE B 18 16.75 -39.64 6.86
CA PHE B 18 16.02 -40.64 6.11
C PHE B 18 16.31 -40.49 4.63
N ASP B 19 16.67 -41.61 3.99
CA ASP B 19 17.12 -41.59 2.60
C ASP B 19 16.55 -42.78 1.81
N GLY B 20 15.46 -43.38 2.27
CA GLY B 20 14.84 -44.45 1.53
C GLY B 20 15.64 -45.75 1.46
N GLN B 21 16.68 -45.91 2.27
CA GLN B 21 17.48 -47.12 2.22
C GLN B 21 16.80 -48.25 2.99
N GLN B 22 16.98 -49.47 2.51
CA GLN B 22 16.50 -50.64 3.22
C GLN B 22 17.49 -51.02 4.31
N GLY B 23 16.97 -51.56 5.40
CA GLY B 23 17.81 -51.95 6.53
C GLY B 23 17.10 -51.72 7.85
N GLU B 24 17.63 -52.34 8.89
CA GLU B 24 17.07 -52.24 10.22
C GLU B 24 18.21 -52.21 11.24
N VAL B 25 18.04 -51.42 12.30
CA VAL B 25 18.94 -51.49 13.44
C VAL B 25 18.07 -51.66 14.68
N PRO B 26 18.56 -52.27 15.75
CA PRO B 26 17.74 -52.39 16.96
C PRO B 26 17.55 -51.04 17.63
N VAL B 27 16.34 -50.82 18.12
CA VAL B 27 15.94 -49.54 18.67
C VAL B 27 15.30 -49.77 20.03
N SER B 28 15.59 -48.89 20.97
CA SER B 28 14.85 -48.83 22.21
C SER B 28 14.37 -47.41 22.44
N ILE B 29 13.14 -47.28 22.90
CA ILE B 29 12.53 -45.99 23.19
C ILE B 29 12.30 -45.90 24.68
N ILE B 30 12.97 -44.93 25.33
CA ILE B 30 12.76 -44.63 26.74
C ILE B 30 12.55 -43.14 26.87
N ASN B 31 11.91 -42.67 27.95
N ASN B 31 11.60 -42.83 27.75
CA ASN B 31 11.76 -41.22 28.24
CA ASN B 31 10.59 -41.79 27.73
C ASN B 31 12.06 -40.21 27.11
C ASN B 31 10.45 -41.16 26.36
N ASN B 32 11.12 -40.04 26.18
CA ASN B 32 11.16 -39.23 24.96
C ASN B 32 12.44 -39.38 24.18
N THR B 33 13.18 -40.47 24.36
CA THR B 33 14.46 -40.64 23.70
C THR B 33 14.49 -41.93 22.90
N VAL B 34 15.04 -41.84 21.69
CA VAL B 34 15.25 -42.97 20.81
C VAL B 34 16.71 -43.37 20.87
N TYR B 35 16.98 -44.64 21.21
CA TYR B 35 18.33 -45.18 21.24
C TYR B 35 18.46 -46.27 20.20
N THR B 36 19.70 -46.52 19.80
CA THR B 36 20.04 -47.69 19.02
C THR B 36 21.23 -48.38 19.66
N LYS B 37 21.31 -49.70 19.47
CA LYS B 37 22.37 -50.49 20.05
C LYS B 37 23.55 -50.54 19.08
N VAL B 38 24.72 -50.11 19.54
CA VAL B 38 25.95 -50.22 18.80
C VAL B 38 26.92 -51.02 19.66
N ASP B 39 27.15 -52.28 19.29
CA ASP B 39 28.06 -53.17 20.01
C ASP B 39 27.68 -53.28 21.48
N GLY B 40 26.43 -53.63 21.72
CA GLY B 40 26.00 -53.94 23.06
C GLY B 40 25.73 -52.77 23.97
N VAL B 41 25.97 -51.52 23.55
CA VAL B 41 25.59 -50.37 24.36
C VAL B 41 24.65 -49.47 23.58
N ASP B 42 23.80 -48.76 24.33
CA ASP B 42 22.79 -47.91 23.75
C ASP B 42 23.35 -46.52 23.44
N VAL B 43 23.02 -46.02 22.26
CA VAL B 43 23.49 -44.73 21.79
C VAL B 43 22.27 -43.89 21.44
N GLU B 44 22.22 -42.67 21.96
CA GLU B 44 21.07 -41.80 21.72
C GLU B 44 21.05 -41.32 20.27
N LEU B 45 19.91 -41.49 19.60
CA LEU B 45 19.71 -40.96 18.26
C LEU B 45 18.87 -39.70 18.24
N PHE B 46 17.97 -39.53 19.20
CA PHE B 46 16.98 -38.46 19.09
C PHE B 46 16.29 -38.23 20.42
N GLU B 47 16.25 -36.98 20.87
CA GLU B 47 15.45 -36.59 22.02
C GLU B 47 14.25 -35.79 21.53
N ASN B 48 13.06 -36.29 21.82
CA ASN B 48 11.82 -35.63 21.43
C ASN B 48 11.62 -34.36 22.25
N LYS B 49 11.63 -33.22 21.59
CA LYS B 49 11.29 -31.94 22.19
C LYS B 49 9.89 -31.48 21.76
N THR B 50 9.15 -32.29 21.01
CA THR B 50 7.88 -31.88 20.44
C THR B 50 6.74 -32.37 21.32
N THR B 51 5.51 -32.03 20.92
CA THR B 51 4.31 -32.52 21.56
C THR B 51 3.73 -33.74 20.87
N LEU B 52 4.45 -34.32 19.92
CA LEU B 52 4.06 -35.53 19.22
C LEU B 52 4.62 -36.75 19.94
N PRO B 53 4.09 -37.94 19.67
CA PRO B 53 4.72 -39.15 20.21
C PRO B 53 6.16 -39.26 19.74
N VAL B 54 7.02 -39.75 20.63
CA VAL B 54 8.47 -39.76 20.39
C VAL B 54 8.83 -40.45 19.08
N ASN B 55 8.19 -41.58 18.75
CA ASN B 55 8.59 -42.26 17.52
C ASN B 55 8.10 -41.51 16.29
N VAL B 56 6.93 -40.88 16.39
CA VAL B 56 6.42 -40.06 15.30
C VAL B 56 7.35 -38.87 15.05
N ALA B 57 7.70 -38.13 16.11
CA ALA B 57 8.59 -36.99 15.93
C ALA B 57 9.94 -37.42 15.39
N PHE B 58 10.42 -38.60 15.84
CA PHE B 58 11.66 -39.16 15.31
C PHE B 58 11.57 -39.33 13.80
N GLU B 59 10.47 -39.88 13.31
CA GLU B 59 10.34 -40.11 11.87
C GLU B 59 10.26 -38.78 11.12
N LEU B 60 9.48 -37.82 11.63
CA LEU B 60 9.38 -36.55 10.94
C LEU B 60 10.71 -35.82 10.92
N TRP B 61 11.47 -35.89 12.02
CA TRP B 61 12.80 -35.28 12.03
C TRP B 61 13.72 -35.95 11.01
N ALA B 62 13.72 -37.29 11.00
CA ALA B 62 14.52 -38.04 10.04
C ALA B 62 14.19 -37.62 8.61
N LYS B 63 12.92 -37.37 8.33
CA LYS B 63 12.46 -37.05 6.98
C LYS B 63 12.44 -35.55 6.71
N ARG B 64 13.09 -34.75 7.55
CA ARG B 64 13.13 -33.31 7.35
C ARG B 64 13.74 -32.99 5.99
N ASN B 65 13.37 -31.83 5.47
CA ASN B 65 13.96 -31.33 4.25
C ASN B 65 15.39 -30.87 4.52
N ILE B 66 16.33 -31.38 3.74
CA ILE B 66 17.74 -31.03 3.92
C ILE B 66 18.25 -30.16 2.79
N LYS B 67 17.38 -29.64 1.97
CA LYS B 67 17.77 -28.60 1.03
C LYS B 67 17.49 -27.25 1.67
N PRO B 68 18.09 -26.16 1.15
CA PRO B 68 17.70 -24.83 1.65
C PRO B 68 16.21 -24.63 1.48
N VAL B 69 15.56 -24.23 2.56
CA VAL B 69 14.12 -23.99 2.53
C VAL B 69 13.83 -22.64 3.13
N PRO B 70 12.67 -22.06 2.83
CA PRO B 70 12.27 -20.80 3.48
C PRO B 70 12.33 -20.92 5.00
N GLU B 71 12.79 -19.86 5.65
CA GLU B 71 12.68 -19.80 7.09
C GLU B 71 11.21 -19.87 7.49
N VAL B 72 10.96 -20.51 8.63
CA VAL B 72 9.59 -20.75 9.07
C VAL B 72 8.81 -19.44 9.21
N LYS B 73 9.48 -18.35 9.61
CA LYS B 73 8.75 -17.08 9.74
C LYS B 73 8.16 -16.66 8.41
N ILE B 74 8.89 -16.88 7.30
CA ILE B 74 8.35 -16.59 5.98
C ILE B 74 7.13 -17.47 5.69
N LEU B 75 7.26 -18.78 5.91
CA LEU B 75 6.15 -19.68 5.63
C LEU B 75 4.93 -19.29 6.45
N ASN B 76 5.11 -19.05 7.75
CA ASN B 76 4.00 -18.67 8.61
C ASN B 76 3.34 -17.39 8.11
N ASN B 77 4.14 -16.41 7.70
CA ASN B 77 3.59 -15.13 7.30
C ASN B 77 2.80 -15.23 6.02
N LEU B 78 3.12 -16.22 5.18
CA LEU B 78 2.40 -16.51 3.95
C LEU B 78 1.24 -17.46 4.18
N GLY B 79 0.96 -17.83 5.43
CA GLY B 79 -0.20 -18.67 5.71
C GLY B 79 -0.05 -20.14 5.34
N VAL B 80 1.18 -20.63 5.21
CA VAL B 80 1.38 -22.03 4.83
C VAL B 80 0.91 -22.93 5.96
N ASP B 81 0.05 -23.89 5.63
CA ASP B 81 -0.52 -24.80 6.61
C ASP B 81 0.17 -26.15 6.64
N ILE B 82 0.82 -26.54 5.55
CA ILE B 82 1.27 -27.92 5.35
C ILE B 82 2.20 -27.93 4.15
N ALA B 83 3.11 -28.89 4.11
CA ALA B 83 4.04 -29.01 2.99
C ALA B 83 3.72 -30.23 2.16
N ALA B 84 4.00 -30.13 0.86
CA ALA B 84 3.76 -31.23 -0.08
C ALA B 84 4.95 -32.18 -0.06
N ASN B 85 4.75 -33.36 0.54
CA ASN B 85 5.71 -34.47 0.41
C ASN B 85 7.08 -34.11 0.98
N THR B 86 7.09 -33.36 2.07
CA THR B 86 8.32 -33.07 2.79
C THR B 86 7.93 -32.60 4.19
N VAL B 87 8.95 -32.49 5.04
CA VAL B 87 8.80 -31.94 6.38
C VAL B 87 9.71 -30.74 6.48
N ILE B 88 9.15 -29.57 6.75
CA ILE B 88 9.94 -28.40 7.10
C ILE B 88 10.20 -28.47 8.59
N TRP B 89 11.42 -28.80 8.99
CA TRP B 89 11.75 -28.91 10.39
C TRP B 89 12.01 -27.52 10.95
N ASP B 90 11.32 -27.18 12.04
CA ASP B 90 11.47 -25.90 12.72
C ASP B 90 12.56 -26.03 13.77
N TYR B 91 13.75 -25.57 13.43
CA TYR B 91 14.90 -25.70 14.32
C TYR B 91 14.84 -24.75 15.50
N LYS B 92 13.98 -23.74 15.44
CA LYS B 92 13.86 -22.85 16.59
C LYS B 92 12.96 -23.47 17.66
N ARG B 93 12.04 -24.34 17.26
CA ARG B 93 11.18 -25.06 18.19
C ARG B 93 11.57 -26.52 18.36
N ASP B 94 12.62 -26.99 17.67
CA ASP B 94 12.94 -28.41 17.55
C ASP B 94 11.68 -29.24 17.33
N ALA B 95 10.96 -28.94 16.25
CA ALA B 95 9.66 -29.55 16.03
C ALA B 95 9.29 -29.39 14.57
N PRO B 96 8.36 -30.20 14.06
CA PRO B 96 7.84 -29.95 12.70
C PRO B 96 7.20 -28.58 12.62
N ALA B 97 7.45 -27.89 11.52
CA ALA B 97 6.83 -26.58 11.33
C ALA B 97 5.32 -26.69 11.19
N HIS B 98 4.79 -27.86 10.83
CA HIS B 98 3.37 -28.02 10.55
C HIS B 98 2.83 -29.26 11.25
N ILE B 99 1.55 -29.19 11.65
CA ILE B 99 0.94 -30.29 12.39
C ILE B 99 0.98 -31.57 11.57
N SER B 100 0.48 -31.48 10.34
CA SER B 100 0.15 -32.64 9.52
C SER B 100 1.12 -32.72 8.35
N THR B 101 1.05 -33.84 7.63
CA THR B 101 1.94 -34.05 6.50
C THR B 101 1.15 -34.60 5.31
N ILE B 102 1.80 -34.61 4.17
CA ILE B 102 1.25 -35.16 2.94
C ILE B 102 2.28 -36.10 2.37
N GLY B 103 1.95 -37.40 2.37
CA GLY B 103 2.84 -38.39 1.78
C GLY B 103 4.19 -38.51 2.45
N VAL B 104 4.23 -38.41 3.78
CA VAL B 104 5.49 -38.44 4.50
C VAL B 104 5.50 -39.52 5.56
N CYS B 105 4.47 -39.55 6.41
CA CYS B 105 4.45 -40.36 7.61
C CYS B 105 3.03 -40.82 7.89
N SER B 106 2.88 -42.11 8.20
CA SER B 106 1.54 -42.68 8.31
C SER B 106 0.77 -42.12 9.49
N MET B 107 1.44 -41.80 10.59
CA MET B 107 0.73 -41.29 11.76
C MET B 107 0.24 -39.86 11.58
N THR B 108 0.86 -39.07 10.71
CA THR B 108 0.54 -37.66 10.58
C THR B 108 0.02 -37.27 9.20
N ASP B 109 0.10 -38.16 8.21
CA ASP B 109 -0.39 -37.87 6.88
C ASP B 109 -1.89 -37.62 6.91
N ILE B 110 -2.33 -36.55 6.26
CA ILE B 110 -3.75 -36.41 5.94
C ILE B 110 -4.07 -36.88 4.53
N ALA B 111 -3.06 -37.19 3.70
CA ALA B 111 -3.19 -37.55 2.28
C ALA B 111 -1.82 -38.04 1.78
N LYS B 112 -1.83 -38.79 0.69
CA LYS B 112 -0.56 -39.15 0.05
C LYS B 112 -0.11 -38.09 -0.93
N LYS B 113 -1.07 -37.45 -1.59
CA LYS B 113 -0.75 -36.47 -2.60
C LYS B 113 -1.53 -35.20 -2.32
N PRO B 114 -0.95 -34.04 -2.65
CA PRO B 114 -1.64 -32.77 -2.39
C PRO B 114 -2.90 -32.57 -3.24
N THR B 115 -3.09 -33.36 -4.29
CA THR B 115 -4.29 -33.25 -5.12
C THR B 115 -5.53 -33.83 -4.47
N GLU B 116 -5.38 -34.58 -3.37
CA GLU B 116 -6.55 -35.08 -2.67
C GLU B 116 -7.34 -33.90 -2.11
N THR B 117 -8.66 -34.09 -2.00
CA THR B 117 -9.54 -32.95 -1.72
C THR B 117 -9.36 -32.41 -0.31
N ILE B 118 -8.91 -33.23 0.64
CA ILE B 118 -8.71 -32.72 1.99
C ILE B 118 -7.64 -31.64 2.02
N CYS B 119 -6.82 -31.56 0.98
CA CYS B 119 -5.77 -30.55 0.87
C CYS B 119 -6.25 -29.27 0.21
N ALA B 120 -7.39 -29.30 -0.48
CA ALA B 120 -7.87 -28.13 -1.22
C ALA B 120 -7.99 -26.89 -0.34
N PRO B 121 -8.61 -26.92 0.85
CA PRO B 121 -8.68 -25.70 1.66
C PRO B 121 -7.34 -25.26 2.23
N LEU B 122 -6.42 -26.19 2.47
CA LEU B 122 -5.16 -25.86 3.13
C LEU B 122 -4.20 -25.19 2.16
N THR B 123 -3.43 -24.23 2.68
CA THR B 123 -2.36 -23.61 1.89
C THR B 123 -1.14 -24.53 1.90
N VAL B 124 -0.86 -25.13 0.76
CA VAL B 124 0.15 -26.18 0.65
C VAL B 124 1.44 -25.57 0.13
N PHE B 125 2.56 -25.95 0.75
CA PHE B 125 3.86 -25.49 0.30
C PHE B 125 4.37 -26.41 -0.79
N PHE B 126 4.72 -25.81 -1.93
CA PHE B 126 5.23 -26.52 -3.11
C PHE B 126 6.62 -26.02 -3.41
N ASP B 127 7.53 -26.94 -3.74
CA ASP B 127 8.93 -26.63 -3.99
C ASP B 127 9.22 -26.89 -5.47
N GLY B 128 9.35 -25.82 -6.23
CA GLY B 128 9.61 -25.94 -7.66
C GLY B 128 10.86 -26.69 -8.03
N ARG B 129 11.75 -26.92 -7.06
CA ARG B 129 12.97 -27.69 -7.33
C ARG B 129 12.70 -29.19 -7.40
N VAL B 130 11.50 -29.62 -7.05
CA VAL B 130 11.11 -31.03 -7.11
C VAL B 130 10.27 -31.21 -8.37
N ASP B 131 10.62 -32.23 -9.17
CA ASP B 131 9.85 -32.51 -10.38
C ASP B 131 8.36 -32.56 -10.08
N GLY B 132 7.58 -31.88 -10.92
CA GLY B 132 6.14 -31.98 -10.87
C GLY B 132 5.44 -31.08 -9.87
N GLN B 133 6.16 -30.32 -9.05
CA GLN B 133 5.43 -29.57 -8.04
C GLN B 133 5.02 -28.17 -8.48
N VAL B 134 5.68 -27.62 -9.49
CA VAL B 134 5.16 -26.35 -10.06
C VAL B 134 3.80 -26.70 -10.66
N ASP B 135 3.67 -27.90 -11.23
CA ASP B 135 2.40 -28.34 -11.86
C ASP B 135 1.35 -28.65 -10.80
N LEU B 136 1.77 -29.14 -9.64
CA LEU B 136 0.79 -29.45 -8.56
C LEU B 136 0.26 -28.13 -7.98
N PHE B 137 1.10 -27.11 -7.96
CA PHE B 137 0.70 -25.77 -7.52
C PHE B 137 -0.38 -25.24 -8.48
N ARG B 138 -0.17 -25.47 -9.78
CA ARG B 138 -1.12 -25.04 -10.85
C ARG B 138 -2.51 -25.61 -10.57
N ASN B 139 -2.60 -26.87 -10.18
CA ASN B 139 -3.92 -27.50 -9.93
C ASN B 139 -4.34 -27.28 -8.49
N ALA B 140 -3.48 -26.68 -7.66
CA ALA B 140 -3.83 -26.51 -6.23
C ALA B 140 -4.73 -25.29 -5.99
N ARG B 141 -5.76 -25.45 -5.18
CA ARG B 141 -6.63 -24.32 -4.85
C ARG B 141 -5.90 -23.28 -4.02
N ASN B 142 -5.21 -23.72 -2.97
CA ASN B 142 -4.46 -22.83 -2.07
C ASN B 142 -3.05 -23.36 -1.92
N GLY B 143 -2.08 -22.46 -2.00
CA GLY B 143 -0.72 -22.90 -1.92
C GLY B 143 0.24 -21.75 -2.02
N VAL B 144 1.49 -22.06 -1.68
CA VAL B 144 2.64 -21.18 -1.87
C VAL B 144 3.69 -21.99 -2.60
N LEU B 145 4.36 -21.37 -3.57
CA LEU B 145 5.34 -22.06 -4.38
C LEU B 145 6.64 -21.27 -4.38
N ILE B 146 7.76 -21.98 -4.26
CA ILE B 146 9.07 -21.38 -4.49
C ILE B 146 9.69 -22.00 -5.73
N THR B 147 10.52 -21.21 -6.40
CA THR B 147 11.29 -21.68 -7.55
C THR B 147 12.64 -20.97 -7.53
N GLU B 148 13.59 -21.51 -8.28
CA GLU B 148 14.87 -20.85 -8.48
C GLU B 148 14.88 -19.97 -9.73
N GLY B 149 14.00 -20.23 -10.69
CA GLY B 149 13.94 -19.47 -11.92
C GLY B 149 12.52 -19.07 -12.24
N SER B 150 12.37 -18.36 -13.35
CA SER B 150 11.07 -17.84 -13.72
C SER B 150 10.13 -18.98 -14.08
N VAL B 151 8.85 -18.66 -13.93
CA VAL B 151 7.72 -19.55 -14.25
C VAL B 151 6.89 -18.81 -15.31
N LYS B 152 6.87 -19.38 -16.49
CA LYS B 152 6.21 -18.87 -17.66
C LYS B 152 4.70 -18.65 -17.34
N GLY B 153 4.16 -17.43 -17.48
CA GLY B 153 2.76 -17.15 -17.07
C GLY B 153 2.54 -16.57 -15.68
N LEU B 154 3.62 -16.46 -14.90
CA LEU B 154 3.50 -15.95 -13.52
C LEU B 154 4.55 -14.89 -13.20
N GLN B 155 4.11 -13.75 -12.71
CA GLN B 155 5.04 -12.75 -12.21
C GLN B 155 5.51 -13.17 -10.82
N PRO B 156 6.81 -13.18 -10.57
CA PRO B 156 7.32 -13.64 -9.28
C PRO B 156 7.41 -12.54 -8.24
N SER B 157 7.45 -12.97 -6.99
CA SER B 157 7.85 -12.12 -5.87
C SER B 157 9.23 -12.60 -5.43
N VAL B 158 10.23 -11.74 -5.54
CA VAL B 158 11.60 -12.12 -5.19
C VAL B 158 11.73 -12.12 -3.67
N GLY B 159 12.08 -13.28 -3.12
CA GLY B 159 12.12 -13.46 -1.68
C GLY B 159 13.42 -12.97 -1.06
N PRO B 160 13.63 -13.31 0.21
CA PRO B 160 14.87 -12.90 0.87
C PRO B 160 16.08 -13.64 0.30
N LYS B 161 17.24 -13.02 0.48
CA LYS B 161 18.48 -13.64 0.03
C LYS B 161 18.78 -14.91 0.78
N GLN B 162 18.32 -15.03 2.03
CA GLN B 162 18.72 -16.10 2.91
C GLN B 162 17.66 -17.18 2.99
N ALA B 163 18.12 -18.41 3.22
CA ALA B 163 17.24 -19.54 3.48
C ALA B 163 17.86 -20.37 4.61
N SER B 164 17.13 -21.38 5.07
CA SER B 164 17.54 -22.26 6.15
C SER B 164 18.03 -23.58 5.59
N LEU B 165 19.28 -23.91 5.84
CA LEU B 165 19.85 -25.21 5.45
C LEU B 165 20.20 -25.96 6.73
N ASN B 166 19.40 -26.98 7.05
CA ASN B 166 19.60 -27.78 8.25
C ASN B 166 19.72 -26.90 9.49
N GLY B 167 18.81 -25.92 9.57
CA GLY B 167 18.78 -25.02 10.70
C GLY B 167 19.83 -23.94 10.70
N VAL B 168 20.64 -23.85 9.65
CA VAL B 168 21.59 -22.75 9.51
C VAL B 168 21.00 -21.77 8.51
N THR B 169 20.74 -20.56 8.95
CA THR B 169 20.27 -19.52 8.05
C THR B 169 21.49 -18.92 7.35
N LEU B 170 21.45 -18.92 6.02
CA LEU B 170 22.62 -18.49 5.27
C LEU B 170 22.20 -17.97 3.91
N ILE B 171 23.08 -17.18 3.33
CA ILE B 171 22.96 -16.71 1.96
C ILE B 171 23.85 -17.60 1.12
N GLY B 172 23.23 -18.44 0.28
CA GLY B 172 23.97 -19.51 -0.37
C GLY B 172 24.96 -18.98 -1.40
N GLU B 173 26.16 -19.58 -1.38
CA GLU B 173 27.15 -19.38 -2.44
C GLU B 173 27.37 -20.61 -3.29
N ALA B 174 27.29 -21.81 -2.71
CA ALA B 174 27.32 -23.05 -3.47
C ALA B 174 25.94 -23.62 -3.74
N VAL B 175 24.90 -23.00 -3.17
CA VAL B 175 23.51 -23.35 -3.43
C VAL B 175 22.74 -22.04 -3.49
N LYS B 176 21.62 -22.07 -4.20
CA LYS B 176 20.74 -20.90 -4.28
C LYS B 176 19.79 -20.90 -3.08
N THR B 177 19.73 -19.76 -2.40
CA THR B 177 18.81 -19.58 -1.29
C THR B 177 17.75 -18.51 -1.55
N GLN B 178 17.89 -17.71 -2.60
CA GLN B 178 16.92 -16.67 -2.94
C GLN B 178 15.90 -17.25 -3.90
N PHE B 179 14.65 -17.38 -3.46
CA PHE B 179 13.61 -18.01 -4.25
C PHE B 179 12.67 -16.99 -4.84
N ASN B 180 12.04 -17.35 -5.95
CA ASN B 180 10.81 -16.69 -6.38
C ASN B 180 9.64 -17.25 -5.59
N TYR B 181 8.78 -16.36 -5.10
CA TYR B 181 7.60 -16.75 -4.36
C TYR B 181 6.36 -16.53 -5.20
N TYR B 182 5.39 -17.44 -5.07
CA TYR B 182 4.08 -17.34 -5.68
C TYR B 182 3.07 -17.89 -4.69
N LYS B 183 1.85 -17.36 -4.76
CA LYS B 183 0.83 -17.74 -3.79
C LYS B 183 -0.52 -17.73 -4.48
N LYS B 184 -1.36 -18.68 -4.11
CA LYS B 184 -2.71 -18.76 -4.67
C LYS B 184 -3.69 -18.94 -3.53
N VAL B 185 -4.74 -18.12 -3.54
CA VAL B 185 -5.87 -18.24 -2.63
C VAL B 185 -7.11 -18.51 -3.48
N ASP B 186 -7.90 -19.49 -3.05
CA ASP B 186 -9.10 -19.95 -3.76
C ASP B 186 -8.93 -19.96 -5.28
N GLY B 187 -7.87 -20.60 -5.75
CA GLY B 187 -7.58 -20.81 -7.18
C GLY B 187 -7.04 -19.61 -7.91
N VAL B 188 -6.86 -18.48 -7.24
CA VAL B 188 -6.42 -17.25 -7.90
C VAL B 188 -4.98 -16.95 -7.47
N VAL B 189 -4.13 -16.76 -8.45
CA VAL B 189 -2.73 -16.35 -8.16
C VAL B 189 -2.78 -14.94 -7.60
N GLN B 190 -2.20 -14.75 -6.42
CA GLN B 190 -2.18 -13.46 -5.75
C GLN B 190 -1.02 -12.61 -6.26
N GLN B 191 -1.18 -11.30 -6.12
CA GLN B 191 -0.06 -10.37 -6.22
C GLN B 191 0.50 -10.18 -4.82
N LEU B 192 1.70 -10.70 -4.59
CA LEU B 192 2.27 -10.57 -3.26
C LEU B 192 2.70 -9.12 -3.04
N PRO B 193 2.51 -8.59 -1.85
CA PRO B 193 2.80 -7.17 -1.63
C PRO B 193 4.29 -6.90 -1.67
N GLU B 194 4.61 -5.63 -1.94
CA GLU B 194 5.94 -5.12 -1.65
C GLU B 194 6.28 -5.42 -0.20
N THR B 195 7.54 -5.76 0.06
CA THR B 195 7.87 -6.11 1.43
C THR B 195 9.35 -5.86 1.69
N TYR B 196 9.65 -5.40 2.90
CA TYR B 196 11.01 -5.54 3.39
C TYR B 196 11.22 -6.97 3.88
N PHE B 197 12.48 -7.30 4.15
CA PHE B 197 12.84 -8.62 4.67
C PHE B 197 13.72 -8.46 5.88
N THR B 198 13.43 -9.21 6.94
CA THR B 198 14.37 -9.26 8.04
C THR B 198 15.62 -10.02 7.60
N GLN B 199 16.74 -9.72 8.26
CA GLN B 199 18.03 -10.21 7.82
C GLN B 199 18.45 -11.51 8.49
N SER B 200 17.81 -11.89 9.60
CA SER B 200 17.96 -13.22 10.19
C SER B 200 19.38 -13.45 10.72
N ARG B 201 19.99 -12.42 11.28
CA ARG B 201 21.36 -12.50 11.77
C ARG B 201 21.39 -12.82 13.26
N ASN B 202 22.57 -13.27 13.71
CA ASN B 202 22.85 -13.62 15.10
C ASN B 202 23.43 -12.43 15.83
N LEU B 203 23.16 -12.35 17.13
CA LEU B 203 23.80 -11.33 17.93
C LEU B 203 25.30 -11.60 18.07
N GLN B 204 25.68 -12.88 18.12
CA GLN B 204 27.07 -13.27 18.33
C GLN B 204 27.91 -13.12 17.06
N GLU B 205 27.30 -13.41 15.91
CA GLU B 205 27.98 -13.52 14.63
C GLU B 205 27.61 -12.39 13.69
N PHE B 206 27.20 -11.24 14.23
CA PHE B 206 26.58 -10.21 13.41
C PHE B 206 27.58 -9.60 12.44
N LYS B 207 27.22 -9.59 11.16
CA LYS B 207 28.04 -8.99 10.12
C LYS B 207 27.27 -7.90 9.39
N PRO B 208 27.84 -6.71 9.22
CA PRO B 208 27.14 -5.65 8.48
C PRO B 208 26.98 -6.02 7.02
N ARG B 209 25.90 -5.53 6.41
CA ARG B 209 25.61 -5.82 5.01
C ARG B 209 25.42 -4.54 4.20
N SER B 210 26.00 -3.43 4.66
CA SER B 210 25.96 -2.17 3.92
C SER B 210 26.96 -1.22 4.54
N GLN B 211 27.26 -0.15 3.79
CA GLN B 211 28.19 0.85 4.29
C GLN B 211 27.62 1.56 5.51
N MET B 212 26.31 1.81 5.51
CA MET B 212 25.69 2.42 6.68
C MET B 212 25.83 1.53 7.90
N GLU B 213 25.69 0.21 7.73
CA GLU B 213 25.83 -0.69 8.86
C GLU B 213 27.29 -0.78 9.31
N ILE B 214 28.22 -0.79 8.36
CA ILE B 214 29.63 -0.63 8.72
C ILE B 214 29.81 0.69 9.48
N ASP B 215 29.25 1.78 8.95
CA ASP B 215 29.42 3.04 9.67
C ASP B 215 28.81 2.97 11.07
N PHE B 216 27.67 2.28 11.21
CA PHE B 216 27.04 2.23 12.53
C PHE B 216 27.91 1.49 13.55
N LEU B 217 28.57 0.42 13.13
CA LEU B 217 29.33 -0.40 14.07
C LEU B 217 30.66 0.25 14.42
N GLU B 218 31.32 0.85 13.42
CA GLU B 218 32.63 1.44 13.63
C GLU B 218 32.63 2.89 14.12
N LEU B 219 31.58 3.67 13.86
CA LEU B 219 31.60 5.05 14.33
C LEU B 219 31.00 5.17 15.73
N ALA B 220 31.33 6.26 16.42
CA ALA B 220 30.63 6.59 17.65
C ALA B 220 29.22 7.10 17.32
N MET B 221 28.37 7.14 18.34
CA MET B 221 26.97 7.49 18.12
C MET B 221 26.83 8.86 17.48
N ASP B 222 27.47 9.88 18.06
CA ASP B 222 27.29 11.24 17.58
C ASP B 222 27.76 11.40 16.14
N GLU B 223 28.89 10.77 15.80
CA GLU B 223 29.38 10.84 14.43
C GLU B 223 28.37 10.24 13.45
N PHE B 224 27.94 9.00 13.72
CA PHE B 224 27.04 8.31 12.80
C PHE B 224 25.77 9.11 12.56
N ILE B 225 25.17 9.63 13.63
CA ILE B 225 23.93 10.39 13.49
C ILE B 225 24.16 11.64 12.66
N GLU B 226 25.34 12.25 12.77
CA GLU B 226 25.65 13.41 11.95
C GLU B 226 25.82 13.02 10.48
N ARG B 227 26.56 11.93 10.22
CA ARG B 227 26.90 11.58 8.85
C ARG B 227 25.69 11.23 8.00
N TYR B 228 24.68 10.59 8.59
CA TYR B 228 23.50 10.18 7.87
C TYR B 228 22.31 11.09 8.18
N LYS B 229 22.60 12.31 8.65
CA LYS B 229 21.61 13.36 8.92
C LYS B 229 20.39 12.81 9.66
N LEU B 230 20.62 12.17 10.80
CA LEU B 230 19.58 11.49 11.57
C LEU B 230 19.20 12.22 12.85
N GLU B 231 19.57 13.49 13.01
CA GLU B 231 19.09 14.25 14.15
C GLU B 231 17.56 14.32 14.13
N GLY B 232 16.96 14.20 15.30
CA GLY B 232 15.52 14.28 15.44
C GLY B 232 14.77 12.97 15.25
N TYR B 233 15.46 11.89 14.88
CA TYR B 233 14.81 10.59 14.69
C TYR B 233 15.03 9.66 15.86
N ALA B 234 15.75 10.10 16.88
CA ALA B 234 15.84 9.40 18.17
C ALA B 234 16.50 8.03 18.03
N PHE B 235 17.52 7.92 17.18
CA PHE B 235 18.28 6.67 17.17
C PHE B 235 19.04 6.46 18.48
N GLU B 236 19.38 7.55 19.18
CA GLU B 236 19.96 7.42 20.51
C GLU B 236 19.14 6.47 21.37
N HIS B 237 17.84 6.65 21.37
CA HIS B 237 16.90 5.82 22.12
C HIS B 237 16.59 4.52 21.37
N ILE B 238 16.16 4.64 20.11
CA ILE B 238 15.56 3.50 19.41
C ILE B 238 16.62 2.45 19.07
N VAL B 239 17.76 2.87 18.54
CA VAL B 239 18.73 1.94 17.98
C VAL B 239 19.89 1.69 18.94
N TYR B 240 20.49 2.76 19.47
CA TYR B 240 21.65 2.60 20.36
C TYR B 240 21.22 2.06 21.72
N GLY B 241 20.07 2.49 22.22
CA GLY B 241 19.62 2.06 23.53
C GLY B 241 19.98 3.02 24.64
N ASP B 242 19.06 3.20 25.57
CA ASP B 242 19.26 4.09 26.72
C ASP B 242 19.39 3.20 27.96
N PHE B 243 20.59 3.18 28.55
CA PHE B 243 20.88 2.27 29.65
C PHE B 243 21.01 2.99 30.98
N SER B 244 20.47 4.21 31.08
CA SER B 244 20.65 5.05 32.25
C SER B 244 19.52 4.95 33.28
N HIS B 245 18.38 4.38 32.90
CA HIS B 245 17.22 4.27 33.77
C HIS B 245 17.00 2.80 34.13
N SER B 246 16.16 2.55 35.14
CA SER B 246 15.86 1.17 35.51
C SER B 246 15.29 0.40 34.31
N GLN B 247 14.30 0.98 33.63
CA GLN B 247 13.82 0.44 32.35
C GLN B 247 14.73 0.81 31.19
N LEU B 248 15.28 -0.22 30.53
CA LEU B 248 16.11 -0.01 29.35
C LEU B 248 15.30 0.69 28.26
N GLY B 249 15.90 1.73 27.67
CA GLY B 249 15.20 2.55 26.70
C GLY B 249 15.49 2.09 25.27
N GLY B 250 14.41 1.88 24.53
CA GLY B 250 14.52 1.58 23.11
C GLY B 250 15.19 0.24 22.86
N LEU B 251 16.20 0.25 21.99
CA LEU B 251 16.98 -0.92 21.62
C LEU B 251 16.09 -1.97 20.94
N HIS B 252 15.57 -1.60 19.78
CA HIS B 252 14.64 -2.46 19.06
C HIS B 252 15.21 -2.99 17.75
N LEU B 253 16.44 -2.62 17.40
CA LEU B 253 17.04 -3.05 16.15
C LEU B 253 18.26 -3.91 16.45
N LEU B 254 18.30 -5.11 15.86
CA LEU B 254 19.32 -6.10 16.21
C LEU B 254 20.73 -5.53 16.12
N ILE B 255 21.00 -4.71 15.10
CA ILE B 255 22.35 -4.14 14.97
C ILE B 255 22.71 -3.32 16.21
N GLY B 256 21.72 -2.72 16.87
CA GLY B 256 22.02 -1.97 18.09
C GLY B 256 22.38 -2.88 19.24
N LEU B 257 21.70 -4.01 19.35
CA LEU B 257 22.13 -5.04 20.29
C LEU B 257 23.52 -5.55 19.95
N ALA B 258 23.80 -5.72 18.65
CA ALA B 258 25.10 -6.26 18.25
C ALA B 258 26.22 -5.32 18.67
N LYS B 259 26.04 -4.02 18.45
CA LYS B 259 27.06 -3.05 18.85
C LYS B 259 27.26 -3.07 20.35
N ARG B 260 26.18 -3.17 21.12
CA ARG B 260 26.28 -3.17 22.57
C ARG B 260 26.99 -4.43 23.07
N PHE B 261 26.76 -5.56 22.39
CA PHE B 261 27.30 -6.84 22.83
C PHE B 261 28.83 -6.90 22.72
N LYS B 262 29.41 -6.15 21.78
CA LYS B 262 30.86 -6.07 21.70
C LYS B 262 31.47 -5.42 22.93
N GLU B 263 30.78 -4.43 23.49
CA GLU B 263 31.33 -3.67 24.62
C GLU B 263 31.08 -4.38 25.94
N SER B 264 29.85 -4.83 26.18
CA SER B 264 29.48 -5.40 27.45
C SER B 264 28.27 -6.31 27.25
N PRO B 265 28.17 -7.40 28.02
CA PRO B 265 27.19 -8.44 27.72
C PRO B 265 25.83 -8.17 28.37
N PHE B 266 24.85 -8.97 27.95
CA PHE B 266 23.50 -8.85 28.51
C PHE B 266 22.74 -10.15 28.26
N GLU B 267 21.70 -10.35 29.05
CA GLU B 267 20.84 -11.52 28.93
C GLU B 267 19.65 -11.22 28.06
N LEU B 268 19.43 -12.04 27.04
CA LEU B 268 18.22 -12.00 26.23
C LEU B 268 17.43 -13.25 26.57
N GLU B 269 16.31 -13.10 27.29
CA GLU B 269 15.46 -14.22 27.60
C GLU B 269 14.40 -14.34 26.50
N ASP B 270 14.47 -15.44 25.75
CA ASP B 270 13.61 -15.69 24.60
C ASP B 270 12.37 -16.43 25.09
N PHE B 271 11.43 -15.69 25.69
CA PHE B 271 10.35 -16.37 26.40
C PHE B 271 9.25 -16.91 25.48
N ILE B 272 9.27 -16.59 24.19
CA ILE B 272 8.45 -17.33 23.21
C ILE B 272 9.41 -17.84 22.15
N PRO B 273 10.11 -18.94 22.40
CA PRO B 273 11.12 -19.41 21.45
C PRO B 273 10.51 -19.96 20.18
N MET B 274 10.44 -19.13 19.15
CA MET B 274 9.92 -19.53 17.85
C MET B 274 10.51 -18.59 16.81
N ASP B 275 10.40 -18.99 15.55
CA ASP B 275 10.80 -18.13 14.45
C ASP B 275 9.70 -17.09 14.24
N SER B 276 10.05 -15.81 14.31
CA SER B 276 9.07 -14.80 13.92
C SER B 276 9.79 -13.52 13.52
N THR B 277 9.08 -12.72 12.72
CA THR B 277 9.66 -11.51 12.14
C THR B 277 10.09 -10.53 13.22
N VAL B 278 9.25 -10.34 14.24
CA VAL B 278 9.61 -9.55 15.41
C VAL B 278 9.82 -10.51 16.55
N LYS B 279 10.93 -10.34 17.27
CA LYS B 279 11.24 -11.17 18.43
C LYS B 279 11.10 -10.34 19.69
N ASN B 280 10.52 -10.96 20.73
CA ASN B 280 10.34 -10.32 22.03
C ASN B 280 11.31 -10.95 23.03
N TYR B 281 12.11 -10.12 23.68
CA TYR B 281 13.09 -10.59 24.64
C TYR B 281 12.91 -9.88 25.96
N PHE B 282 13.08 -10.60 27.05
CA PHE B 282 13.30 -9.95 28.34
C PHE B 282 14.78 -9.86 28.64
N ILE B 283 15.25 -8.62 28.61
CA ILE B 283 16.65 -8.26 28.49
C ILE B 283 17.11 -7.63 29.79
N THR B 284 18.29 -8.02 30.22
CA THR B 284 18.89 -7.49 31.44
C THR B 284 20.31 -7.08 31.07
N ASP B 285 20.62 -5.79 31.19
CA ASP B 285 21.95 -5.32 30.83
C ASP B 285 22.89 -5.56 32.00
N ALA B 286 23.92 -6.41 31.79
CA ALA B 286 24.77 -6.84 32.89
C ALA B 286 25.61 -5.70 33.45
N GLN B 287 26.03 -4.76 32.60
CA GLN B 287 26.88 -3.67 33.06
C GLN B 287 26.13 -2.71 33.97
N THR B 288 24.89 -2.36 33.60
CA THR B 288 24.17 -1.31 34.30
C THR B 288 23.03 -1.79 35.17
N GLY B 289 22.48 -2.97 34.91
CA GLY B 289 21.26 -3.37 35.56
C GLY B 289 20.01 -2.77 34.95
N SER B 290 20.13 -2.08 33.83
CA SER B 290 18.95 -1.63 33.11
C SER B 290 18.28 -2.83 32.47
N SER B 291 16.95 -2.88 32.50
CA SER B 291 16.25 -4.06 32.00
C SER B 291 14.88 -3.69 31.46
N LYS B 292 14.32 -4.60 30.66
CA LYS B 292 12.97 -4.41 30.12
C LYS B 292 12.30 -5.75 29.91
N CYS B 293 11.07 -5.90 30.40
CA CYS B 293 10.34 -7.17 30.32
C CYS B 293 10.08 -7.58 28.88
N VAL B 294 9.53 -6.67 28.09
CA VAL B 294 9.21 -6.98 26.70
C VAL B 294 9.95 -5.98 25.82
N CYS B 295 11.08 -6.40 25.28
CA CYS B 295 11.87 -5.59 24.36
C CYS B 295 11.72 -6.21 22.97
N SER B 296 10.85 -5.63 22.16
CA SER B 296 10.65 -6.13 20.81
C SER B 296 11.88 -5.82 19.98
N VAL B 297 12.38 -6.82 19.26
CA VAL B 297 13.59 -6.67 18.45
C VAL B 297 13.28 -7.17 17.06
N ILE B 298 13.78 -6.44 16.07
CA ILE B 298 13.70 -6.82 14.66
C ILE B 298 15.07 -6.59 14.04
N ASP B 299 15.46 -7.50 13.13
CA ASP B 299 16.71 -7.36 12.40
C ASP B 299 16.39 -6.87 10.99
N LEU B 300 16.25 -5.55 10.87
CA LEU B 300 16.16 -4.91 9.57
C LEU B 300 17.54 -4.40 9.20
N LEU B 301 17.87 -4.48 7.91
CA LEU B 301 18.97 -3.69 7.40
C LEU B 301 18.79 -2.26 7.86
N LEU B 302 19.84 -1.69 8.45
CA LEU B 302 19.71 -0.34 9.02
C LEU B 302 19.17 0.64 8.00
N ASP B 303 19.73 0.62 6.80
CA ASP B 303 19.24 1.27 5.60
C ASP B 303 17.73 1.18 5.50
N ASP B 304 17.20 -0.05 5.57
CA ASP B 304 15.75 -0.23 5.47
C ASP B 304 15.04 0.44 6.62
N PHE B 305 15.56 0.28 7.84
CA PHE B 305 14.94 0.92 9.00
C PHE B 305 14.93 2.43 8.84
N VAL B 306 16.03 3.00 8.35
CA VAL B 306 16.10 4.45 8.17
C VAL B 306 15.04 4.91 7.19
N GLU B 307 14.94 4.22 6.04
CA GLU B 307 13.93 4.58 5.05
C GLU B 307 12.53 4.53 5.66
N ILE B 308 12.26 3.53 6.49
CA ILE B 308 10.94 3.42 7.11
C ILE B 308 10.66 4.62 8.00
N ILE B 309 11.59 4.95 8.91
CA ILE B 309 11.30 5.99 9.87
C ILE B 309 11.31 7.37 9.19
N LYS B 310 12.11 7.52 8.13
CA LYS B 310 12.15 8.79 7.40
C LYS B 310 10.96 8.96 6.46
N SER B 311 10.14 7.93 6.29
CA SER B 311 8.95 8.00 5.45
C SER B 311 7.67 8.12 6.26
N GLN B 312 7.76 8.65 7.47
CA GLN B 312 6.61 8.81 8.33
C GLN B 312 6.36 10.29 8.61
N ASP B 313 5.07 10.61 8.81
CA ASP B 313 4.65 11.94 9.24
C ASP B 313 4.91 12.06 10.73
N LEU B 314 5.68 13.08 11.12
CA LEU B 314 6.16 13.25 12.50
C LEU B 314 5.35 14.29 13.26
N SER B 315 4.09 14.52 12.92
CA SER B 315 3.36 15.66 13.45
C SER B 315 2.20 15.27 14.36
N VAL B 316 2.04 13.99 14.69
CA VAL B 316 1.04 13.56 15.66
C VAL B 316 1.77 12.89 16.82
N VAL B 317 1.16 12.97 18.01
CA VAL B 317 1.79 12.47 19.22
C VAL B 317 2.08 10.97 19.11
N SER B 318 1.07 10.18 18.78
CA SER B 318 1.27 8.73 18.66
C SER B 318 0.32 8.17 17.61
N LYS B 319 0.80 7.15 16.90
CA LYS B 319 -0.06 6.44 15.95
C LYS B 319 0.59 5.12 15.57
N VAL B 320 -0.23 4.25 14.99
CA VAL B 320 0.24 2.96 14.49
C VAL B 320 0.78 3.14 13.08
N VAL B 321 2.01 2.68 12.86
CA VAL B 321 2.64 2.64 11.56
C VAL B 321 2.72 1.19 11.13
N LYS B 322 2.19 0.89 9.93
CA LYS B 322 2.14 -0.47 9.43
C LYS B 322 3.15 -0.63 8.30
N VAL B 323 3.97 -1.69 8.39
CA VAL B 323 5.04 -1.95 7.43
C VAL B 323 4.97 -3.42 7.05
N THR B 324 4.92 -3.69 5.75
CA THR B 324 4.97 -5.06 5.27
C THR B 324 6.40 -5.58 5.40
N ILE B 325 6.58 -6.63 6.20
CA ILE B 325 7.89 -7.19 6.46
C ILE B 325 7.75 -8.70 6.44
N ASP B 326 8.62 -9.38 5.68
CA ASP B 326 8.54 -10.83 5.52
C ASP B 326 7.14 -11.25 5.08
N TYR B 327 6.51 -10.41 4.26
CA TYR B 327 5.18 -10.56 3.67
C TYR B 327 4.04 -10.35 4.65
N THR B 328 4.30 -10.05 5.91
CA THR B 328 3.26 -9.85 6.89
C THR B 328 3.21 -8.38 7.29
N GLU B 329 2.09 -7.98 7.89
CA GLU B 329 1.90 -6.59 8.30
C GLU B 329 2.42 -6.43 9.74
N ILE B 330 3.52 -5.70 9.91
CA ILE B 330 4.08 -5.43 11.22
C ILE B 330 3.63 -4.05 11.68
N SER B 331 2.92 -4.00 12.79
CA SER B 331 2.52 -2.73 13.37
C SER B 331 3.64 -2.16 14.23
N PHE B 332 4.01 -0.91 13.97
CA PHE B 332 4.92 -0.16 14.81
C PHE B 332 4.15 0.94 15.54
N MET B 333 4.62 1.30 16.72
CA MET B 333 4.16 2.48 17.42
C MET B 333 5.15 3.61 17.15
N LEU B 334 4.64 4.77 16.73
CA LEU B 334 5.47 5.93 16.49
C LEU B 334 5.01 7.05 17.41
N TRP B 335 5.94 7.56 18.21
CA TRP B 335 5.66 8.62 19.18
C TRP B 335 6.50 9.82 18.83
N CYS B 336 5.86 10.98 18.70
CA CYS B 336 6.54 12.20 18.28
C CYS B 336 6.17 13.35 19.21
N LYS B 337 6.98 14.41 19.12
CA LYS B 337 6.80 15.61 19.92
C LYS B 337 7.53 16.74 19.22
N ASP B 338 6.80 17.80 18.86
CA ASP B 338 7.37 18.99 18.21
C ASP B 338 8.10 18.64 16.92
N GLY B 339 7.59 17.65 16.19
CA GLY B 339 8.14 17.31 14.90
C GLY B 339 9.34 16.40 14.90
N HIS B 340 9.79 15.94 16.06
CA HIS B 340 10.86 14.97 16.14
C HIS B 340 10.34 13.67 16.73
N VAL B 341 11.06 12.58 16.45
CA VAL B 341 10.71 11.27 16.97
C VAL B 341 11.09 11.19 18.44
N GLU B 342 10.18 10.65 19.25
CA GLU B 342 10.49 10.25 20.62
C GLU B 342 10.88 8.77 20.68
N THR B 343 9.98 7.89 20.25
CA THR B 343 10.31 6.48 20.11
C THR B 343 9.55 5.88 18.93
N PHE B 344 10.01 4.71 18.51
CA PHE B 344 9.44 4.00 17.37
C PHE B 344 9.79 2.53 17.55
N TYR B 345 8.79 1.68 17.76
CA TYR B 345 9.08 0.31 18.15
C TYR B 345 8.03 -0.64 17.60
N PRO B 346 8.40 -1.89 17.32
CA PRO B 346 7.41 -2.91 16.96
C PRO B 346 6.36 -3.05 18.06
N LYS B 347 5.09 -2.91 17.69
CA LYS B 347 4.03 -2.73 18.67
C LYS B 347 3.81 -4.03 19.45
N LEU B 348 3.69 -3.89 20.78
CA LEU B 348 3.61 -5.01 21.70
C LEU B 348 2.13 -5.34 21.90
N GLN B 349 1.55 -6.02 20.90
CA GLN B 349 0.10 -6.19 20.86
C GLN B 349 -0.34 -7.65 20.84
#